data_7B09
#
_entry.id   7B09
#
loop_
_entity.id
_entity.type
_entity.pdbx_description
1 polymer 'Heavy chain of fab fragment P-4G2'
2 polymer 'Light chain of fab fragment P-4G2'
3 polymer 'Envelope polyprotein'
4 polymer 'Envelope polyprotein'
5 branched 2-acetamido-2-deoxy-beta-D-glucopyranose-(1-4)-2-acetamido-2-deoxy-beta-D-glucopyranose
6 branched alpha-D-mannopyranose-(1-3)-beta-D-mannopyranose-(1-4)-2-acetamido-2-deoxy-beta-D-glucopyranose-(1-4)-2-acetamido-2-deoxy-beta-D-glucopyranose
7 non-polymer 2-acetamido-2-deoxy-beta-D-glucopyranose
#
loop_
_entity_poly.entity_id
_entity_poly.type
_entity_poly.pdbx_seq_one_letter_code
_entity_poly.pdbx_strand_id
1 'polypeptide(L)'
;TGQVQMKESGGGLVQPGKSLKLSCAASGFTFSDFWMSWVRQPSGKGLEWVARINTNGDTTHYTDDMKGRFTISRDNAKTT
LYLEMSPLKSEDTAMYYCTRDRLGPFDYWGQGTTVTVSSATTKGPSVYPLAPGSAAQTNSMVTLGCLVKGYFPEPVTVTW
NSGSLSSGVHTFPAVLQSDLYTLSSSVTVPSSTWPSQTVTCNVAHPASSTKVDKKIVPRDCGGTKHHHHHH
;
H
2 'polypeptide(L)'
;TGDIVMTQSPAFPPVSLGDTVTITCQASQSVYKNLAWYQQKPGKSPRLLIFGMSSLADGVPSRFSASGSDKQYSLKIRGL
QPEDAAIYYCQQHYIAPYTFGAGTRLEIKRTDAAPTVSIFPPSSEQLTSGGASVVCFLNNFYPKDINVKWKIDGSERQNG
VLNSWTDQDSKDSTYSMSSTLTLTKDEYERHNSYTCEATHKTSTSPIVKSFNRNEC
;
L
3 'polypeptide(L)'
;GPGETQNLNSGWTDTAHGSGIIPMRTDLELDFSLPSSASYTYRRQLQNPANEQEKIPFHLQISKQVIHAEIQHLGHWMDG
TFNLKTAFHCYGSCEKYAYPWQTAGCFIEKDYEYESGWGCNPPDCPGVGTGCTACGVYLDKLKSVGKAFKIVSLRYTRKA
CIQLGTEQTCKSVDSNDCLVTTSVKVCLIGTVSKFQPSDTLLFLGPLEQGGLIFKQWCTTTCQFGDPGDIMSTPVGMKCP
ELNGSFRKKCAFATTPVCQFDGNTLSGYKRMIATKDSFQSFNVTEPHISASSLEWIDPDSSLRDHINVIVGRDLSFQDLS
ETPCQVDLATTSIDGAWGSGVGFNLVCSVSLTECSTFLTSIKACDSAMCYGSTTANLLRGQNTVHIVGKGGHSGSKFMCC
HDTKCSSTGLVAAAPHLDRVTGYNQADSDKIFDDGAPECGISCWFTKSGEGTETSQVAPA
;
A
4 'polypeptide(L)'
;ETGELKIECPHTIGLGQGLVIGSVELPPVPLTQVESLKLESSCNFDLHTSTSSQQPFTKWTWEMKSDLAENTQASSTSFQ
TKSSEINLRGLCLVPPLVIETAARTRKTIACFDLSCNQTACQPTVFLIGPIQTCITTKSCLLGLGDQRIQVNYEKTYCVS
GQLVEGVCFNPVHTMALSQPSHTYDIVTVMVRCFLIAKKVSTGDSMKLEKSFETLVQKTSCTGNGFQGYYICLVGSSSEP
LYIPTLDDYRSAEVLSRMAFAPHGEDHDVEKNAISAMRIIGKVTGKAPSTESSDTIQGVAFSGNPLYTSTGVLTAKDDPV
YIWAPGIIMEGNHSVCDKKTLPLTWTGFIPLPGEIEKTGTKHHHHHH
;
B
#
# COMPACT_ATOMS: atom_id res chain seq x y z
N GLY A 2 7.28 3.09 10.51
CA GLY A 2 6.08 2.29 10.38
C GLY A 2 4.80 3.11 10.38
N GLN A 3 4.33 3.47 11.58
CA GLN A 3 3.11 4.24 11.71
C GLN A 3 3.35 5.72 11.40
N VAL A 4 2.32 6.37 10.86
CA VAL A 4 2.42 7.78 10.48
C VAL A 4 1.94 8.63 11.64
N GLN A 5 2.75 9.60 12.03
CA GLN A 5 2.44 10.47 13.17
C GLN A 5 2.88 11.89 12.86
N MET A 6 1.97 12.85 13.03
CA MET A 6 2.24 14.25 12.80
C MET A 6 1.69 15.08 13.95
N LYS A 7 2.49 16.03 14.43
CA LYS A 7 2.13 16.86 15.57
C LYS A 7 2.37 18.33 15.24
N GLU A 8 1.39 19.17 15.55
CA GLU A 8 1.52 20.61 15.35
C GLU A 8 1.97 21.28 16.65
N SER A 9 2.56 22.46 16.50
CA SER A 9 3.03 23.24 17.64
C SER A 9 3.31 24.66 17.15
N GLY A 10 3.48 25.56 18.11
CA GLY A 10 3.78 26.95 17.82
C GLY A 10 2.61 27.90 17.82
N GLY A 11 1.42 27.43 18.20
CA GLY A 11 0.24 28.28 18.24
C GLY A 11 -0.01 28.87 19.61
N GLY A 12 -1.07 29.68 19.68
CA GLY A 12 -1.42 30.34 20.93
C GLY A 12 -2.22 31.61 20.73
N LEU A 13 -1.78 32.70 21.36
CA LEU A 13 -2.47 33.99 21.28
C LEU A 13 -1.47 35.05 20.82
N VAL A 14 -1.85 35.79 19.78
CA VAL A 14 -1.03 36.87 19.24
C VAL A 14 -1.90 38.11 19.11
N GLN A 15 -1.24 39.27 19.12
CA GLN A 15 -1.92 40.54 18.97
C GLN A 15 -2.36 40.75 17.53
N PRO A 16 -3.42 41.55 17.31
CA PRO A 16 -3.88 41.80 15.93
C PRO A 16 -2.95 42.71 15.15
N GLY A 17 -1.95 42.12 14.51
CA GLY A 17 -0.95 42.88 13.79
C GLY A 17 0.48 42.44 14.06
N LYS A 18 0.64 41.29 14.71
CA LYS A 18 1.95 40.70 14.95
C LYS A 18 2.11 39.42 14.16
N SER A 19 3.36 38.96 14.06
CA SER A 19 3.69 37.77 13.30
C SER A 19 3.67 36.52 14.18
N LEU A 20 3.61 35.36 13.54
CA LEU A 20 3.60 34.08 14.23
C LEU A 20 4.00 32.98 13.25
N LYS A 21 4.86 32.08 13.71
CA LYS A 21 5.34 30.97 12.89
C LYS A 21 4.91 29.66 13.52
N LEU A 22 4.25 28.82 12.74
CA LEU A 22 3.77 27.52 13.20
C LEU A 22 4.69 26.41 12.70
N SER A 23 4.89 25.40 13.53
CA SER A 23 5.73 24.25 13.18
C SER A 23 4.92 22.98 13.24
N CYS A 24 5.41 21.94 12.56
CA CYS A 24 4.72 20.66 12.50
C CYS A 24 5.75 19.58 12.20
N ALA A 25 5.92 18.65 13.14
CA ALA A 25 6.88 17.57 13.02
C ALA A 25 6.18 16.30 12.55
N ALA A 26 6.67 15.72 11.46
CA ALA A 26 6.10 14.52 10.89
C ALA A 26 7.11 13.37 10.97
N SER A 27 6.59 12.16 11.14
CA SER A 27 7.43 10.98 11.24
C SER A 27 6.65 9.76 10.77
N GLY A 28 7.38 8.70 10.44
CA GLY A 28 6.79 7.45 10.02
C GLY A 28 6.68 7.26 8.52
N PHE A 29 7.09 8.24 7.73
CA PHE A 29 7.09 8.12 6.28
C PHE A 29 8.21 8.98 5.72
N THR A 30 8.49 8.81 4.43
CA THR A 30 9.52 9.60 3.76
C THR A 30 9.01 11.03 3.59
N PHE A 31 9.53 11.95 4.40
CA PHE A 31 9.06 13.33 4.35
C PHE A 31 9.47 14.02 3.05
N SER A 32 10.57 13.58 2.43
CA SER A 32 11.11 14.21 1.23
C SER A 32 10.57 13.57 -0.05
N ASP A 33 9.35 13.02 -0.02
CA ASP A 33 8.73 12.47 -1.20
C ASP A 33 7.27 12.89 -1.38
N PHE A 34 6.70 13.63 -0.43
CA PHE A 34 5.30 14.02 -0.49
C PHE A 34 5.19 15.55 -0.54
N TRP A 35 4.06 15.99 -1.08
CA TRP A 35 3.70 17.41 -1.01
C TRP A 35 3.01 17.68 0.31
N MET A 36 3.38 18.79 0.95
CA MET A 36 2.81 19.18 2.23
C MET A 36 1.88 20.37 2.05
N SER A 37 0.95 20.52 2.99
CA SER A 37 -0.06 21.55 2.89
C SER A 37 -0.60 21.87 4.28
N TRP A 38 -1.09 23.11 4.43
CA TRP A 38 -1.71 23.57 5.66
C TRP A 38 -3.19 23.83 5.40
N VAL A 39 -4.03 23.37 6.33
CA VAL A 39 -5.48 23.53 6.22
C VAL A 39 -6.02 23.95 7.59
N ARG A 40 -6.68 25.09 7.65
CA ARG A 40 -7.24 25.60 8.89
C ARG A 40 -8.76 25.50 8.87
N GLN A 41 -9.33 25.51 10.07
CA GLN A 41 -10.78 25.42 10.24
C GLN A 41 -11.22 26.29 11.40
N PRO A 42 -12.15 27.23 11.18
CA PRO A 42 -12.65 28.07 12.29
C PRO A 42 -13.45 27.26 13.30
N SER A 43 -13.88 27.93 14.37
CA SER A 43 -14.65 27.27 15.43
C SER A 43 -16.03 26.92 14.90
N GLY A 44 -16.24 25.64 14.61
CA GLY A 44 -17.53 25.17 14.14
C GLY A 44 -17.87 25.60 12.73
N LYS A 45 -16.89 25.59 11.82
CA LYS A 45 -17.09 25.95 10.43
C LYS A 45 -16.44 24.89 9.54
N GLY A 46 -16.50 25.12 8.23
CA GLY A 46 -15.94 24.19 7.28
C GLY A 46 -14.43 24.31 7.15
N LEU A 47 -13.84 23.30 6.50
CA LEU A 47 -12.40 23.30 6.29
C LEU A 47 -12.02 24.29 5.20
N GLU A 48 -10.80 24.83 5.30
CA GLU A 48 -10.31 25.83 4.37
C GLU A 48 -8.84 25.56 4.08
N TRP A 49 -8.53 25.24 2.82
CA TRP A 49 -7.15 25.05 2.42
C TRP A 49 -6.41 26.38 2.44
N VAL A 50 -5.17 26.36 2.92
CA VAL A 50 -4.38 27.57 3.13
C VAL A 50 -3.19 27.63 2.18
N ALA A 51 -2.27 26.68 2.28
CA ALA A 51 -1.05 26.70 1.49
C ALA A 51 -0.66 25.28 1.10
N ARG A 52 0.35 25.19 0.23
CA ARG A 52 0.85 23.90 -0.24
C ARG A 52 2.28 24.08 -0.72
N ILE A 53 3.13 23.11 -0.41
CA ILE A 53 4.53 23.14 -0.81
C ILE A 53 4.87 21.81 -1.48
N ASN A 54 5.83 21.85 -2.39
CA ASN A 54 6.26 20.67 -3.14
C ASN A 54 7.41 19.99 -2.39
N THR A 55 8.08 19.06 -3.07
CA THR A 55 9.12 18.26 -2.43
C THR A 55 10.29 19.12 -1.97
N ASN A 56 10.97 19.76 -2.92
CA ASN A 56 12.16 20.53 -2.58
C ASN A 56 11.81 21.87 -1.94
N GLY A 57 10.91 22.62 -2.56
CA GLY A 57 10.50 23.90 -2.00
C GLY A 57 10.50 25.04 -2.98
N ASP A 58 10.70 24.74 -4.26
CA ASP A 58 10.72 25.76 -5.30
C ASP A 58 9.33 26.14 -5.79
N THR A 59 8.32 25.35 -5.49
CA THR A 59 6.94 25.61 -5.91
C THR A 59 6.05 25.66 -4.69
N THR A 60 5.46 26.82 -4.43
CA THR A 60 4.56 27.01 -3.29
C THR A 60 3.26 27.63 -3.77
N HIS A 61 2.14 27.02 -3.39
CA HIS A 61 0.82 27.50 -3.76
C HIS A 61 0.14 28.12 -2.55
N TYR A 62 -0.48 29.29 -2.74
CA TYR A 62 -1.18 30.00 -1.69
C TYR A 62 -2.58 30.35 -2.16
N THR A 63 -3.34 31.00 -1.28
CA THR A 63 -4.68 31.46 -1.59
C THR A 63 -4.64 32.93 -1.99
N ASP A 64 -5.63 33.33 -2.80
CA ASP A 64 -5.69 34.71 -3.28
C ASP A 64 -5.92 35.72 -2.16
N ASP A 65 -6.37 35.27 -1.00
CA ASP A 65 -6.60 36.19 0.12
C ASP A 65 -5.28 36.64 0.74
N MET A 66 -4.50 35.71 1.27
CA MET A 66 -3.23 36.03 1.90
C MET A 66 -2.17 36.23 0.83
N LYS A 67 -2.15 37.44 0.27
CA LYS A 67 -1.17 37.81 -0.75
C LYS A 67 0.14 38.14 -0.05
N GLY A 68 1.06 37.18 -0.04
CA GLY A 68 2.35 37.36 0.60
C GLY A 68 2.32 37.40 2.11
N ARG A 69 1.17 37.19 2.74
CA ARG A 69 1.10 37.22 4.19
C ARG A 69 1.59 35.92 4.82
N PHE A 70 1.28 34.79 4.20
CA PHE A 70 1.68 33.49 4.70
C PHE A 70 2.86 32.96 3.88
N THR A 71 3.76 32.25 4.54
CA THR A 71 4.96 31.71 3.91
C THR A 71 5.18 30.30 4.44
N ILE A 72 5.01 29.31 3.58
CA ILE A 72 5.18 27.90 3.94
C ILE A 72 6.59 27.46 3.58
N SER A 73 7.22 26.71 4.48
CA SER A 73 8.57 26.20 4.26
C SER A 73 8.67 24.82 4.90
N ARG A 74 9.73 24.09 4.53
CA ARG A 74 9.93 22.74 5.02
C ARG A 74 11.42 22.49 5.22
N ASP A 75 11.72 21.53 6.10
CA ASP A 75 13.10 21.13 6.39
C ASP A 75 13.13 19.59 6.31
N ASN A 76 13.69 19.07 5.22
CA ASN A 76 13.72 17.62 5.04
C ASN A 76 14.75 16.95 5.94
N ALA A 77 15.75 17.68 6.41
CA ALA A 77 16.75 17.09 7.29
C ALA A 77 16.17 16.71 8.64
N LYS A 78 15.20 17.48 9.13
CA LYS A 78 14.53 17.18 10.39
C LYS A 78 13.09 16.74 10.21
N THR A 79 12.61 16.64 8.97
CA THR A 79 11.23 16.25 8.66
C THR A 79 10.24 17.14 9.40
N THR A 80 10.31 18.43 9.11
CA THR A 80 9.49 19.44 9.76
C THR A 80 8.87 20.36 8.73
N LEU A 81 7.65 20.83 9.03
CA LEU A 81 6.93 21.78 8.18
C LEU A 81 6.71 23.06 8.97
N TYR A 82 6.87 24.20 8.28
CA TYR A 82 6.73 25.50 8.91
C TYR A 82 5.73 26.35 8.13
N LEU A 83 5.15 27.32 8.84
CA LEU A 83 4.19 28.24 8.24
C LEU A 83 4.36 29.60 8.94
N GLU A 84 5.16 30.47 8.33
CA GLU A 84 5.36 31.81 8.85
C GLU A 84 4.22 32.72 8.39
N MET A 85 3.69 33.51 9.32
CA MET A 85 2.57 34.38 9.05
C MET A 85 2.94 35.84 9.32
N SER A 86 2.53 36.72 8.41
CA SER A 86 2.73 38.16 8.52
C SER A 86 1.80 38.71 9.60
N PRO A 87 1.84 40.03 9.89
CA PRO A 87 0.85 40.60 10.82
C PRO A 87 -0.57 40.15 10.52
N LEU A 88 -1.17 39.43 11.47
CA LEU A 88 -2.44 38.76 11.26
C LEU A 88 -3.60 39.72 11.50
N LYS A 89 -4.81 39.23 11.26
CA LYS A 89 -6.04 39.97 11.51
C LYS A 89 -6.98 39.08 12.34
N SER A 90 -8.11 39.67 12.74
CA SER A 90 -9.07 38.95 13.57
C SER A 90 -9.76 37.82 12.84
N GLU A 91 -9.65 37.76 11.50
CA GLU A 91 -10.31 36.73 10.72
C GLU A 91 -9.45 35.49 10.54
N ASP A 92 -8.28 35.43 11.17
CA ASP A 92 -7.39 34.28 11.06
C ASP A 92 -7.45 33.37 12.29
N THR A 93 -8.36 33.64 13.22
CA THR A 93 -8.48 32.83 14.43
C THR A 93 -9.13 31.49 14.08
N ALA A 94 -8.33 30.43 14.03
CA ALA A 94 -8.81 29.11 13.69
C ALA A 94 -7.80 28.08 14.18
N MET A 95 -8.07 26.81 13.89
CA MET A 95 -7.17 25.72 14.21
C MET A 95 -6.52 25.21 12.93
N TYR A 96 -5.19 25.19 12.91
CA TYR A 96 -4.42 24.87 11.71
C TYR A 96 -3.94 23.43 11.78
N TYR A 97 -4.12 22.69 10.68
CA TYR A 97 -3.64 21.32 10.55
C TYR A 97 -2.60 21.26 9.43
N CYS A 98 -1.53 20.50 9.67
CA CYS A 98 -0.57 20.19 8.62
C CYS A 98 -0.96 18.83 8.03
N THR A 99 -1.15 18.79 6.72
CA THR A 99 -1.63 17.60 6.04
C THR A 99 -0.62 17.14 5.01
N ARG A 100 -0.77 15.89 4.58
CA ARG A 100 0.07 15.30 3.54
C ARG A 100 -0.69 15.41 2.22
N ASP A 101 -0.44 16.49 1.49
CA ASP A 101 -1.16 16.75 0.25
C ASP A 101 -0.73 15.76 -0.83
N ARG A 102 -1.70 15.05 -1.40
CA ARG A 102 -1.46 14.10 -2.49
C ARG A 102 -1.88 14.67 -3.83
N LEU A 103 -1.62 15.97 -4.05
CA LEU A 103 -2.06 16.67 -5.25
C LEU A 103 -3.58 16.58 -5.41
N GLY A 104 -4.27 17.14 -4.42
CA GLY A 104 -5.69 16.95 -4.29
C GLY A 104 -6.08 16.59 -2.87
N PRO A 105 -6.56 15.37 -2.66
CA PRO A 105 -7.02 14.97 -1.32
C PRO A 105 -5.89 14.91 -0.32
N PHE A 106 -6.26 15.07 0.94
CA PHE A 106 -5.33 15.00 2.07
C PHE A 106 -5.59 13.70 2.82
N ASP A 107 -4.58 12.83 2.86
CA ASP A 107 -4.75 11.49 3.39
C ASP A 107 -4.36 11.34 4.85
N TYR A 108 -3.71 12.34 5.45
CA TYR A 108 -3.32 12.26 6.85
C TYR A 108 -3.36 13.64 7.47
N TRP A 109 -4.00 13.74 8.64
CA TRP A 109 -4.16 14.99 9.36
C TRP A 109 -3.54 14.86 10.75
N GLY A 110 -2.99 15.97 11.24
CA GLY A 110 -2.39 16.00 12.56
C GLY A 110 -3.40 16.33 13.64
N GLN A 111 -2.88 16.65 14.82
CA GLN A 111 -3.76 17.00 15.94
C GLN A 111 -4.35 18.38 15.77
N GLY A 112 -3.54 19.36 15.36
CA GLY A 112 -4.01 20.71 15.13
C GLY A 112 -3.77 21.62 16.32
N THR A 113 -3.31 22.85 16.03
CA THR A 113 -3.04 23.84 17.06
C THR A 113 -3.96 25.05 16.88
N THR A 114 -4.33 25.67 17.99
CA THR A 114 -5.24 26.80 17.97
C THR A 114 -4.45 28.11 17.90
N VAL A 115 -4.85 28.97 16.97
CA VAL A 115 -4.23 30.29 16.80
C VAL A 115 -5.31 31.34 17.08
N THR A 116 -5.07 32.16 18.10
CA THR A 116 -6.01 33.21 18.49
C THR A 116 -5.39 34.57 18.23
N VAL A 117 -6.13 35.43 17.53
CA VAL A 117 -5.68 36.77 17.21
C VAL A 117 -6.63 37.74 17.90
N SER A 118 -6.25 38.21 19.08
CA SER A 118 -7.08 39.13 19.84
C SER A 118 -6.18 40.08 20.62
N SER A 119 -6.79 41.17 21.10
CA SER A 119 -6.08 42.17 21.87
C SER A 119 -6.22 41.97 23.38
N ALA A 120 -6.62 40.78 23.80
CA ALA A 120 -6.79 40.48 25.22
C ALA A 120 -5.51 39.91 25.81
N THR A 121 -5.48 39.82 27.13
CA THR A 121 -4.32 39.34 27.87
C THR A 121 -4.61 37.96 28.46
N THR A 122 -3.55 37.17 28.62
CA THR A 122 -3.70 35.83 29.18
C THR A 122 -4.16 35.89 30.63
N LYS A 123 -5.04 34.97 31.00
CA LYS A 123 -5.60 34.90 32.34
C LYS A 123 -5.45 33.49 32.88
N GLY A 124 -5.10 33.38 34.17
CA GLY A 124 -4.91 32.10 34.81
C GLY A 124 -6.22 31.51 35.29
N PRO A 125 -6.40 30.21 35.07
CA PRO A 125 -7.65 29.54 35.44
C PRO A 125 -7.73 29.31 36.94
N SER A 126 -8.87 28.73 37.36
CA SER A 126 -9.09 28.35 38.75
C SER A 126 -9.80 27.02 38.77
N VAL A 127 -9.23 26.04 39.46
CA VAL A 127 -9.79 24.69 39.52
C VAL A 127 -10.50 24.53 40.86
N TYR A 128 -11.78 24.16 40.81
CA TYR A 128 -12.59 23.98 42.00
C TYR A 128 -13.19 22.58 42.01
N PRO A 129 -12.96 21.78 43.03
CA PRO A 129 -13.60 20.47 43.10
C PRO A 129 -15.08 20.58 43.44
N LEU A 130 -15.83 19.54 43.09
CA LEU A 130 -17.27 19.50 43.30
C LEU A 130 -17.60 18.27 44.15
N ALA A 131 -17.83 18.50 45.45
CA ALA A 131 -18.19 17.43 46.36
C ALA A 131 -19.70 17.16 46.29
N PRO A 132 -20.12 15.92 46.55
CA PRO A 132 -21.55 15.62 46.51
C PRO A 132 -22.32 16.39 47.58
N GLY A 133 -23.55 16.74 47.24
CA GLY A 133 -24.41 17.48 48.16
C GLY A 133 -25.87 17.47 47.75
N ASN A 139 -24.35 5.99 47.45
CA ASN A 139 -25.61 5.51 46.89
C ASN A 139 -25.38 4.30 46.00
N SER A 140 -25.58 4.46 44.68
CA SER A 140 -25.35 3.40 43.72
C SER A 140 -24.24 3.74 42.73
N MET A 141 -24.32 4.91 42.07
CA MET A 141 -23.31 5.36 41.11
C MET A 141 -23.10 6.85 41.35
N VAL A 142 -22.10 7.18 42.14
CA VAL A 142 -21.82 8.58 42.49
C VAL A 142 -21.13 9.26 41.32
N THR A 143 -21.34 10.57 41.20
CA THR A 143 -20.70 11.37 40.18
C THR A 143 -20.01 12.56 40.83
N LEU A 144 -18.90 12.98 40.23
CA LEU A 144 -18.10 14.08 40.75
C LEU A 144 -17.81 15.07 39.63
N GLY A 145 -17.48 16.31 40.01
CA GLY A 145 -17.25 17.35 39.05
C GLY A 145 -15.93 18.07 39.32
N CYS A 146 -15.49 18.80 38.31
CA CYS A 146 -14.24 19.57 38.38
C CYS A 146 -14.44 20.82 37.54
N LEU A 147 -14.48 21.98 38.20
CA LEU A 147 -14.81 23.24 37.55
C LEU A 147 -13.54 24.04 37.25
N VAL A 148 -13.38 24.44 36.00
CA VAL A 148 -12.28 25.29 35.55
C VAL A 148 -12.89 26.63 35.14
N LYS A 149 -12.68 27.65 35.96
CA LYS A 149 -13.32 28.95 35.80
C LYS A 149 -12.29 30.02 35.49
N GLY A 150 -12.65 30.92 34.57
CA GLY A 150 -11.86 32.11 34.29
C GLY A 150 -10.49 31.86 33.71
N TYR A 151 -10.44 31.36 32.47
CA TYR A 151 -9.18 31.17 31.76
C TYR A 151 -9.29 31.77 30.37
N PHE A 152 -8.12 32.07 29.80
CA PHE A 152 -8.04 32.66 28.47
C PHE A 152 -6.61 32.55 27.95
N PRO A 153 -6.41 32.13 26.68
CA PRO A 153 -7.47 31.66 25.78
C PRO A 153 -7.62 30.14 25.79
N GLU A 154 -8.37 29.62 24.82
CA GLU A 154 -8.48 28.19 24.63
C GLU A 154 -7.13 27.62 24.18
N PRO A 155 -6.91 26.31 24.37
CA PRO A 155 -7.74 25.31 25.07
C PRO A 155 -7.21 24.92 26.44
N VAL A 156 -7.84 23.93 27.07
CA VAL A 156 -7.37 23.33 28.31
C VAL A 156 -7.48 21.82 28.18
N THR A 157 -6.74 21.12 29.04
CA THR A 157 -6.72 19.66 29.07
C THR A 157 -7.17 19.19 30.44
N VAL A 158 -8.19 18.34 30.46
CA VAL A 158 -8.76 17.81 31.69
C VAL A 158 -8.70 16.29 31.64
N THR A 159 -8.05 15.69 32.63
CA THR A 159 -7.95 14.24 32.75
C THR A 159 -8.23 13.84 34.20
N TRP A 160 -8.39 12.53 34.40
CA TRP A 160 -8.67 11.97 35.72
C TRP A 160 -7.71 10.83 35.99
N ASN A 161 -6.88 10.97 37.03
CA ASN A 161 -5.91 9.96 37.43
C ASN A 161 -4.96 9.63 36.27
N SER A 162 -4.23 10.65 35.84
CA SER A 162 -3.25 10.55 34.75
C SER A 162 -3.89 10.08 33.45
N GLY A 163 -5.19 10.28 33.29
CA GLY A 163 -5.89 9.93 32.08
C GLY A 163 -6.40 8.51 32.00
N SER A 164 -6.22 7.71 33.05
CA SER A 164 -6.71 6.33 33.03
C SER A 164 -8.11 6.23 33.62
N LEU A 165 -9.01 7.13 33.18
CA LEU A 165 -10.41 7.07 33.53
C LEU A 165 -11.26 7.49 32.34
N SER A 166 -10.91 7.01 31.16
CA SER A 166 -11.61 7.45 29.94
C SER A 166 -13.06 7.03 29.92
N SER A 167 -13.40 5.91 30.59
CA SER A 167 -14.78 5.46 30.63
C SER A 167 -15.57 6.26 31.67
N GLY A 168 -16.78 6.66 31.28
CA GLY A 168 -17.63 7.41 32.19
C GLY A 168 -17.20 8.85 32.42
N VAL A 169 -16.44 9.43 31.50
CA VAL A 169 -16.01 10.82 31.63
C VAL A 169 -16.84 11.67 30.68
N HIS A 170 -16.98 12.95 31.03
CA HIS A 170 -17.78 13.87 30.23
C HIS A 170 -17.16 15.26 30.37
N THR A 171 -16.38 15.67 29.37
CA THR A 171 -15.81 17.01 29.32
C THR A 171 -16.74 17.91 28.54
N PHE A 172 -17.13 19.03 29.16
CA PHE A 172 -18.16 19.81 28.50
C PHE A 172 -17.57 21.01 27.78
N PRO A 173 -18.18 21.41 26.66
CA PRO A 173 -17.68 22.59 25.92
C PRO A 173 -17.75 23.84 26.77
N ALA A 174 -16.71 24.66 26.66
CA ALA A 174 -16.64 25.90 27.42
C ALA A 174 -17.60 26.93 26.87
N VAL A 175 -17.87 27.95 27.68
CA VAL A 175 -18.72 29.07 27.30
C VAL A 175 -17.92 30.36 27.46
N LEU A 176 -18.04 31.24 26.48
CA LEU A 176 -17.33 32.51 26.48
C LEU A 176 -18.19 33.58 27.14
N GLN A 177 -17.64 34.25 28.15
CA GLN A 177 -18.35 35.31 28.87
C GLN A 177 -17.40 36.51 28.96
N SER A 178 -17.43 37.35 27.91
CA SER A 178 -16.72 38.63 27.89
C SER A 178 -15.25 38.48 28.27
N ASP A 179 -14.53 37.79 27.37
CA ASP A 179 -13.08 37.60 27.45
C ASP A 179 -12.66 36.64 28.55
N LEU A 180 -13.56 35.74 28.97
CA LEU A 180 -13.24 34.77 30.02
C LEU A 180 -14.03 33.49 29.75
N TYR A 181 -13.31 32.41 29.47
CA TYR A 181 -13.92 31.10 29.29
C TYR A 181 -14.06 30.38 30.63
N THR A 182 -14.89 29.34 30.63
CA THR A 182 -15.06 28.48 31.78
C THR A 182 -15.78 27.22 31.35
N LEU A 183 -15.29 26.07 31.83
CA LEU A 183 -15.91 24.78 31.51
C LEU A 183 -15.86 23.90 32.75
N SER A 184 -16.52 22.75 32.65
CA SER A 184 -16.59 21.79 33.75
C SER A 184 -16.53 20.38 33.20
N SER A 185 -16.02 19.46 34.01
CA SER A 185 -15.92 18.06 33.66
C SER A 185 -16.66 17.22 34.68
N SER A 186 -17.24 16.11 34.21
CA SER A 186 -18.02 15.22 35.06
C SER A 186 -17.50 13.79 34.90
N VAL A 187 -17.34 13.11 36.03
CA VAL A 187 -16.88 11.72 36.04
C VAL A 187 -17.84 10.91 36.90
N THR A 188 -17.97 9.63 36.57
CA THR A 188 -18.88 8.73 37.26
C THR A 188 -18.12 7.48 37.68
N VAL A 189 -18.06 7.23 38.99
CA VAL A 189 -17.39 6.05 39.53
C VAL A 189 -18.35 5.35 40.48
N PRO A 190 -18.20 4.05 40.70
CA PRO A 190 -19.07 3.35 41.65
C PRO A 190 -18.90 3.89 43.07
N SER A 191 -19.94 3.67 43.88
CA SER A 191 -19.92 4.16 45.26
C SER A 191 -18.90 3.41 46.13
N SER A 192 -18.44 2.25 45.68
CA SER A 192 -17.45 1.50 46.45
C SER A 192 -16.04 2.02 46.23
N THR A 193 -15.81 2.82 45.20
CA THR A 193 -14.49 3.37 44.92
C THR A 193 -14.26 4.73 45.58
N TRP A 194 -15.31 5.54 45.71
CA TRP A 194 -15.20 6.85 46.33
C TRP A 194 -16.14 6.95 47.53
N PRO A 195 -15.68 7.52 48.65
CA PRO A 195 -14.32 8.05 48.84
C PRO A 195 -13.31 7.02 49.32
N SER A 196 -13.48 5.76 48.89
CA SER A 196 -12.53 4.72 49.28
C SER A 196 -11.19 4.90 48.59
N GLN A 197 -11.19 5.45 47.38
CA GLN A 197 -9.97 5.72 46.63
C GLN A 197 -9.88 7.20 46.32
N THR A 198 -8.65 7.66 46.09
CA THR A 198 -8.37 9.08 45.86
C THR A 198 -8.58 9.39 44.37
N VAL A 199 -9.67 10.08 44.07
CA VAL A 199 -9.95 10.52 42.70
C VAL A 199 -9.35 11.92 42.52
N THR A 200 -8.50 12.07 41.51
CA THR A 200 -7.76 13.30 41.27
C THR A 200 -8.13 13.88 39.92
N CYS A 201 -8.41 15.18 39.89
CA CYS A 201 -8.71 15.90 38.67
C CYS A 201 -7.48 16.67 38.21
N ASN A 202 -7.06 16.45 36.97
CA ASN A 202 -5.87 17.07 36.41
C ASN A 202 -6.29 18.08 35.34
N VAL A 203 -5.87 19.33 35.52
CA VAL A 203 -6.18 20.41 34.59
C VAL A 203 -4.87 21.06 34.15
N ALA A 204 -4.78 21.36 32.86
CA ALA A 204 -3.58 21.97 32.29
C ALA A 204 -3.96 23.11 31.36
N HIS A 205 -3.25 24.23 31.47
CA HIS A 205 -3.46 25.39 30.61
C HIS A 205 -2.11 25.76 30.01
N PRO A 206 -1.96 25.69 28.68
CA PRO A 206 -0.62 25.91 28.10
C PRO A 206 -0.16 27.37 28.16
N ALA A 207 -1.04 28.31 27.86
CA ALA A 207 -0.64 29.72 27.77
C ALA A 207 -0.16 30.24 29.12
N SER A 208 -0.96 30.05 30.17
CA SER A 208 -0.61 30.52 31.49
C SER A 208 0.34 29.59 32.23
N SER A 209 0.76 28.49 31.61
CA SER A 209 1.65 27.50 32.22
C SER A 209 1.08 27.01 33.55
N THR A 210 -0.19 26.63 33.52
CA THR A 210 -0.91 26.20 34.72
C THR A 210 -1.06 24.68 34.72
N LYS A 211 -0.77 24.06 35.86
CA LYS A 211 -0.91 22.62 36.04
C LYS A 211 -1.42 22.39 37.46
N VAL A 212 -2.71 22.05 37.58
CA VAL A 212 -3.37 21.89 38.87
C VAL A 212 -3.89 20.47 38.97
N ASP A 213 -3.61 19.82 40.11
CA ASP A 213 -4.13 18.48 40.42
C ASP A 213 -4.85 18.57 41.76
N LYS A 214 -6.17 18.39 41.74
CA LYS A 214 -7.01 18.53 42.92
C LYS A 214 -7.59 17.18 43.31
N LYS A 215 -7.51 16.86 44.60
CA LYS A 215 -8.12 15.66 45.14
C LYS A 215 -9.53 16.00 45.63
N ILE A 216 -10.51 15.23 45.15
CA ILE A 216 -11.90 15.49 45.49
C ILE A 216 -12.21 14.86 46.84
N VAL A 217 -12.55 15.69 47.82
CA VAL A 217 -12.90 15.23 49.16
C VAL A 217 -14.21 15.87 49.57
N PRO A 218 -15.04 15.21 50.40
CA PRO A 218 -16.31 15.75 50.87
C PRO A 218 -16.13 17.05 51.68
N THR B 1 -16.23 35.33 -7.54
CA THR B 1 -15.33 34.21 -7.77
C THR B 1 -15.94 33.18 -8.71
N GLY B 2 -15.11 32.61 -9.59
CA GLY B 2 -15.57 31.61 -10.54
C GLY B 2 -15.18 30.20 -10.14
N ASP B 3 -15.29 29.89 -8.85
CA ASP B 3 -14.92 28.58 -8.34
C ASP B 3 -16.12 27.65 -8.31
N ILE B 4 -15.83 26.35 -8.24
CA ILE B 4 -16.88 25.33 -8.18
C ILE B 4 -17.44 25.30 -6.76
N VAL B 5 -18.76 25.13 -6.66
CA VAL B 5 -19.46 25.07 -5.38
C VAL B 5 -19.91 23.63 -5.15
N MET B 6 -19.56 23.09 -3.98
CA MET B 6 -19.92 21.73 -3.59
C MET B 6 -21.07 21.81 -2.60
N THR B 7 -22.29 21.61 -3.08
CA THR B 7 -23.48 21.71 -2.23
C THR B 7 -23.62 20.43 -1.42
N GLN B 8 -23.47 20.54 -0.11
CA GLN B 8 -23.63 19.42 0.82
C GLN B 8 -24.80 19.73 1.74
N SER B 9 -25.85 18.92 1.66
CA SER B 9 -27.10 19.19 2.38
C SER B 9 -26.99 18.81 3.85
N PRO B 10 -27.06 19.78 4.76
CA PRO B 10 -27.07 19.46 6.20
C PRO B 10 -28.46 19.13 6.70
N ALA B 11 -28.60 18.96 8.01
CA ALA B 11 -29.89 18.73 8.66
C ALA B 11 -30.54 17.44 8.15
N PHE B 12 -29.87 16.33 8.40
CA PHE B 12 -30.37 15.02 8.03
C PHE B 12 -31.15 14.41 9.20
N PRO B 13 -32.34 13.87 8.97
CA PRO B 13 -33.13 13.34 10.08
C PRO B 13 -32.46 12.12 10.68
N PRO B 14 -32.68 11.84 11.96
CA PRO B 14 -32.01 10.70 12.61
C PRO B 14 -32.44 9.38 11.98
N VAL B 15 -31.52 8.42 12.03
CA VAL B 15 -31.74 7.09 11.48
C VAL B 15 -31.42 6.06 12.54
N SER B 16 -32.13 4.93 12.48
CA SER B 16 -31.95 3.87 13.46
C SER B 16 -30.59 3.20 13.30
N LEU B 17 -30.17 2.52 14.36
CA LEU B 17 -28.87 1.85 14.37
C LEU B 17 -28.96 0.51 13.65
N GLY B 18 -27.97 0.23 12.81
CA GLY B 18 -27.92 -1.01 12.07
C GLY B 18 -28.52 -0.96 10.69
N ASP B 19 -29.11 0.16 10.29
CA ASP B 19 -29.76 0.29 8.99
C ASP B 19 -28.74 0.82 7.97
N THR B 20 -29.24 1.20 6.79
CA THR B 20 -28.41 1.72 5.71
C THR B 20 -28.74 3.19 5.49
N VAL B 21 -27.70 4.01 5.38
CA VAL B 21 -27.84 5.44 5.18
C VAL B 21 -27.06 5.86 3.94
N THR B 22 -27.43 7.00 3.38
CA THR B 22 -26.79 7.51 2.18
C THR B 22 -26.78 9.04 2.24
N ILE B 23 -25.60 9.63 2.12
CA ILE B 23 -25.42 11.07 2.10
C ILE B 23 -25.03 11.50 0.69
N THR B 24 -25.57 12.62 0.23
CA THR B 24 -25.33 13.13 -1.11
C THR B 24 -24.44 14.37 -1.06
N CYS B 25 -23.77 14.63 -2.18
CA CYS B 25 -22.92 15.81 -2.35
C CYS B 25 -23.04 16.27 -3.80
N GLN B 26 -23.69 17.40 -4.01
CA GLN B 26 -23.91 17.95 -5.34
C GLN B 26 -22.81 18.94 -5.70
N ALA B 27 -22.50 19.02 -6.99
CA ALA B 27 -21.43 19.88 -7.49
C ALA B 27 -21.99 20.84 -8.53
N SER B 28 -21.41 22.05 -8.53
CA SER B 28 -21.77 23.06 -9.53
C SER B 28 -21.12 22.81 -10.88
N GLN B 29 -20.18 21.87 -10.96
CA GLN B 29 -19.50 21.53 -12.20
C GLN B 29 -19.07 20.08 -12.13
N SER B 30 -18.96 19.46 -13.30
CA SER B 30 -18.56 18.05 -13.37
C SER B 30 -17.06 17.92 -13.15
N VAL B 31 -16.67 17.21 -12.09
CA VAL B 31 -15.27 16.93 -11.79
C VAL B 31 -14.88 15.49 -12.12
N TYR B 32 -15.85 14.63 -12.38
CA TYR B 32 -15.83 13.30 -13.01
C TYR B 32 -15.33 12.13 -12.18
N LYS B 33 -14.27 12.32 -11.38
CA LYS B 33 -13.77 11.24 -10.52
C LYS B 33 -12.94 11.79 -9.38
N ASN B 34 -12.72 13.10 -9.35
CA ASN B 34 -11.81 13.71 -8.39
C ASN B 34 -12.62 14.20 -7.20
N LEU B 35 -13.02 13.23 -6.37
CA LEU B 35 -13.85 13.49 -5.20
C LEU B 35 -13.33 12.67 -4.04
N ALA B 36 -13.24 13.32 -2.88
CA ALA B 36 -12.78 12.67 -1.66
C ALA B 36 -13.79 12.93 -0.56
N TRP B 37 -14.02 11.92 0.28
CA TRP B 37 -14.91 12.03 1.43
C TRP B 37 -14.09 12.04 2.71
N TYR B 38 -14.49 12.86 3.67
CA TYR B 38 -13.80 13.00 4.93
C TYR B 38 -14.77 12.80 6.09
N GLN B 39 -14.22 12.47 7.25
CA GLN B 39 -14.98 12.28 8.47
C GLN B 39 -14.30 13.03 9.60
N GLN B 40 -15.04 13.88 10.29
CA GLN B 40 -14.54 14.66 11.41
C GLN B 40 -15.38 14.34 12.64
N LYS B 41 -14.82 13.54 13.55
CA LYS B 41 -15.52 13.24 14.78
C LYS B 41 -15.55 14.47 15.68
N PRO B 42 -16.54 14.58 16.57
CA PRO B 42 -16.64 15.76 17.43
C PRO B 42 -15.43 15.89 18.35
N GLY B 43 -14.67 16.97 18.16
CA GLY B 43 -13.50 17.26 18.95
C GLY B 43 -12.19 16.78 18.35
N LYS B 44 -12.25 15.75 17.49
CA LYS B 44 -11.05 15.18 16.91
C LYS B 44 -10.76 15.83 15.56
N SER B 45 -9.71 15.36 14.90
CA SER B 45 -9.26 15.87 13.62
C SER B 45 -9.98 15.15 12.49
N PRO B 46 -10.03 15.76 11.30
CA PRO B 46 -10.65 15.08 10.15
C PRO B 46 -9.92 13.80 9.79
N ARG B 47 -10.58 12.98 8.98
CA ARG B 47 -10.07 11.67 8.61
C ARG B 47 -10.51 11.35 7.19
N LEU B 48 -9.55 11.00 6.33
CA LEU B 48 -9.87 10.63 4.96
C LEU B 48 -10.63 9.31 4.94
N LEU B 49 -11.82 9.33 4.34
CA LEU B 49 -12.66 8.13 4.24
C LEU B 49 -12.50 7.43 2.90
N ILE B 50 -12.76 8.16 1.81
CA ILE B 50 -12.78 7.58 0.47
C ILE B 50 -12.12 8.56 -0.49
N PHE B 51 -11.23 8.05 -1.33
CA PHE B 51 -10.59 8.84 -2.38
C PHE B 51 -10.94 8.23 -3.74
N GLY B 52 -10.81 9.05 -4.79
CA GLY B 52 -11.13 8.61 -6.13
C GLY B 52 -12.57 8.25 -6.37
N MET B 53 -13.48 8.65 -5.47
CA MET B 53 -14.92 8.48 -5.60
C MET B 53 -15.36 7.04 -5.43
N SER B 54 -14.41 6.09 -5.44
CA SER B 54 -14.80 4.70 -5.23
C SER B 54 -13.77 3.89 -4.43
N SER B 55 -12.69 4.50 -3.93
CA SER B 55 -11.61 3.76 -3.32
C SER B 55 -11.55 4.05 -1.82
N LEU B 56 -11.58 3.00 -1.01
CA LEU B 56 -11.57 3.16 0.44
C LEU B 56 -10.18 3.51 0.94
N ALA B 57 -10.11 4.42 1.90
CA ALA B 57 -8.85 4.79 2.50
C ALA B 57 -8.40 3.72 3.48
N ASP B 58 -7.10 3.70 3.76
CA ASP B 58 -6.53 2.72 4.67
C ASP B 58 -7.04 2.94 6.08
N GLY B 59 -7.51 1.87 6.72
CA GLY B 59 -8.07 1.95 8.05
C GLY B 59 -9.55 2.26 8.11
N VAL B 60 -10.26 2.16 7.01
CA VAL B 60 -11.70 2.44 6.94
C VAL B 60 -12.43 1.11 6.87
N PRO B 61 -13.48 0.91 7.67
CA PRO B 61 -14.19 -0.38 7.64
C PRO B 61 -14.85 -0.64 6.29
N SER B 62 -15.10 -1.92 6.03
CA SER B 62 -15.62 -2.36 4.73
C SER B 62 -17.09 -2.01 4.53
N ARG B 63 -17.76 -1.44 5.52
CA ARG B 63 -19.16 -1.07 5.41
C ARG B 63 -19.35 0.32 4.79
N PHE B 64 -18.30 0.90 4.22
CA PHE B 64 -18.37 2.18 3.55
C PHE B 64 -18.24 2.00 2.04
N SER B 65 -18.94 2.85 1.30
CA SER B 65 -18.91 2.79 -0.16
C SER B 65 -19.35 4.13 -0.72
N ALA B 66 -18.91 4.41 -1.95
CA ALA B 66 -19.24 5.66 -2.61
C ALA B 66 -19.39 5.43 -4.10
N SER B 67 -20.21 6.25 -4.72
CA SER B 67 -20.46 6.22 -6.16
C SER B 67 -21.00 7.59 -6.56
N GLY B 68 -21.53 7.69 -7.76
CA GLY B 68 -22.19 8.91 -8.19
C GLY B 68 -22.17 9.07 -9.69
N SER B 69 -23.17 9.81 -10.19
CA SER B 69 -23.25 10.21 -11.58
C SER B 69 -22.58 11.56 -11.78
N ASP B 70 -22.83 12.20 -12.92
CA ASP B 70 -22.27 13.51 -13.21
C ASP B 70 -22.74 14.53 -12.18
N LYS B 71 -21.78 15.18 -11.51
CA LYS B 71 -22.00 16.26 -10.55
C LYS B 71 -22.99 15.89 -9.44
N GLN B 72 -23.28 14.60 -9.30
CA GLN B 72 -24.21 14.11 -8.28
C GLN B 72 -23.61 12.83 -7.72
N TYR B 73 -23.03 12.91 -6.53
CA TYR B 73 -22.36 11.78 -5.90
C TYR B 73 -23.01 11.46 -4.56
N SER B 74 -22.70 10.26 -4.05
CA SER B 74 -23.30 9.78 -2.82
C SER B 74 -22.29 8.98 -2.02
N LEU B 75 -22.56 8.84 -0.72
CA LEU B 75 -21.75 8.05 0.20
C LEU B 75 -22.68 7.16 0.99
N LYS B 76 -22.56 5.85 0.81
CA LYS B 76 -23.46 4.88 1.42
C LYS B 76 -22.79 4.17 2.60
N ILE B 77 -23.54 4.01 3.69
CA ILE B 77 -23.08 3.30 4.87
C ILE B 77 -24.09 2.21 5.18
N ARG B 78 -23.60 0.98 5.31
CA ARG B 78 -24.45 -0.18 5.60
C ARG B 78 -24.09 -0.73 6.97
N GLY B 79 -25.13 -1.03 7.77
CA GLY B 79 -24.89 -1.52 9.11
C GLY B 79 -24.34 -0.46 10.05
N LEU B 80 -25.17 0.53 10.37
CA LEU B 80 -24.73 1.66 11.17
C LEU B 80 -24.23 1.21 12.55
N GLN B 81 -23.28 1.95 13.08
CA GLN B 81 -22.68 1.73 14.39
C GLN B 81 -22.68 3.04 15.16
N PRO B 82 -22.63 2.96 16.50
CA PRO B 82 -22.60 4.21 17.29
C PRO B 82 -21.31 5.01 17.13
N GLU B 83 -20.24 4.42 16.60
CA GLU B 83 -18.99 5.17 16.47
C GLU B 83 -19.07 6.20 15.36
N ASP B 84 -19.42 5.78 14.14
CA ASP B 84 -19.38 6.64 12.97
C ASP B 84 -20.63 7.53 12.90
N ALA B 85 -20.80 8.33 13.96
CA ALA B 85 -21.84 9.36 14.01
C ALA B 85 -21.12 10.70 14.13
N ALA B 86 -20.77 11.29 12.99
CA ALA B 86 -19.97 12.51 12.95
C ALA B 86 -20.38 13.32 11.73
N ILE B 87 -19.54 14.30 11.38
CA ILE B 87 -19.77 15.19 10.24
C ILE B 87 -18.92 14.71 9.08
N TYR B 88 -19.50 14.73 7.88
CA TYR B 88 -18.85 14.25 6.67
C TYR B 88 -18.74 15.38 5.66
N TYR B 89 -17.59 15.47 4.99
CA TYR B 89 -17.32 16.48 3.99
C TYR B 89 -16.96 15.83 2.66
N CYS B 90 -17.15 16.58 1.58
CA CYS B 90 -16.75 16.16 0.25
C CYS B 90 -15.88 17.24 -0.38
N GLN B 91 -14.78 16.82 -1.00
CA GLN B 91 -13.84 17.74 -1.61
C GLN B 91 -13.59 17.34 -3.06
N GLN B 92 -13.63 18.32 -3.96
CA GLN B 92 -13.30 18.11 -5.36
C GLN B 92 -11.88 18.61 -5.61
N HIS B 93 -11.15 17.88 -6.45
CA HIS B 93 -9.79 18.26 -6.80
C HIS B 93 -9.53 18.07 -8.29
N TYR B 94 -10.47 18.52 -9.12
CA TYR B 94 -10.31 18.46 -10.56
C TYR B 94 -9.59 19.70 -11.09
N ILE B 95 -10.08 20.88 -10.74
CA ILE B 95 -9.49 22.14 -11.18
C ILE B 95 -9.33 23.07 -9.99
N ALA B 96 -8.29 23.89 -10.03
CA ALA B 96 -8.03 24.81 -8.94
C ALA B 96 -9.10 25.91 -8.89
N PRO B 97 -9.50 26.36 -7.70
CA PRO B 97 -9.00 25.87 -6.41
C PRO B 97 -9.74 24.63 -5.92
N TYR B 98 -9.04 23.77 -5.19
CA TYR B 98 -9.63 22.55 -4.64
C TYR B 98 -10.47 22.93 -3.43
N THR B 99 -11.78 23.00 -3.62
CA THR B 99 -12.70 23.47 -2.59
C THR B 99 -13.32 22.31 -1.82
N PHE B 100 -13.81 22.62 -0.62
CA PHE B 100 -14.47 21.66 0.24
C PHE B 100 -15.98 21.85 0.16
N GLY B 101 -16.71 21.11 1.01
CA GLY B 101 -18.14 21.20 1.08
C GLY B 101 -18.64 21.87 2.35
N ALA B 102 -19.95 21.72 2.59
CA ALA B 102 -20.58 22.31 3.77
C ALA B 102 -20.45 21.40 4.99
N GLY B 103 -20.92 20.16 4.87
CA GLY B 103 -20.83 19.23 6.00
C GLY B 103 -22.22 18.70 6.36
N THR B 104 -22.28 17.39 6.55
CA THR B 104 -23.52 16.71 6.92
C THR B 104 -23.26 15.87 8.15
N ARG B 105 -24.03 16.11 9.22
CA ARG B 105 -23.88 15.41 10.48
C ARG B 105 -24.97 14.35 10.63
N LEU B 106 -24.57 13.16 11.07
CA LEU B 106 -25.50 12.07 11.31
C LEU B 106 -26.00 12.09 12.76
N GLU B 107 -27.01 11.26 13.01
CA GLU B 107 -27.58 11.16 14.35
C GLU B 107 -28.19 9.77 14.49
N ILE B 108 -27.64 8.97 15.40
CA ILE B 108 -28.13 7.61 15.62
C ILE B 108 -29.41 7.67 16.45
N LYS B 109 -30.42 6.94 16.01
CA LYS B 109 -31.71 6.90 16.69
C LYS B 109 -31.73 5.70 17.64
N ARG B 110 -31.72 5.99 18.94
CA ARG B 110 -31.75 4.98 19.99
C ARG B 110 -33.07 5.07 20.76
N THR B 111 -33.17 4.27 21.81
CA THR B 111 -34.33 4.34 22.69
C THR B 111 -34.21 5.52 23.65
N ASP B 112 -35.35 6.02 24.10
CA ASP B 112 -35.37 7.17 25.00
C ASP B 112 -34.79 6.77 26.35
N ALA B 113 -33.85 7.57 26.85
CA ALA B 113 -33.19 7.33 28.11
C ALA B 113 -33.45 8.50 29.07
N ALA B 114 -33.54 8.16 30.35
CA ALA B 114 -33.79 9.18 31.36
C ALA B 114 -32.48 9.83 31.78
N PRO B 115 -32.47 11.14 32.00
CA PRO B 115 -31.22 11.83 32.36
C PRO B 115 -30.83 11.54 33.80
N THR B 116 -29.52 11.38 34.00
CA THR B 116 -28.95 11.17 35.34
C THR B 116 -28.59 12.55 35.90
N VAL B 117 -29.50 13.13 36.67
CA VAL B 117 -29.33 14.48 37.18
C VAL B 117 -28.53 14.45 38.47
N SER B 118 -27.82 15.55 38.73
CA SER B 118 -27.02 15.69 39.94
C SER B 118 -26.73 17.16 40.17
N ILE B 119 -26.63 17.53 41.45
CA ILE B 119 -26.37 18.92 41.84
C ILE B 119 -25.13 18.94 42.72
N PHE B 120 -24.38 20.05 42.63
CA PHE B 120 -23.14 20.21 43.38
C PHE B 120 -23.10 21.62 43.96
N PRO B 121 -22.86 21.74 45.27
CA PRO B 121 -22.79 23.07 45.89
C PRO B 121 -21.44 23.71 45.62
N PRO B 122 -21.33 25.03 45.80
CA PRO B 122 -20.03 25.70 45.62
C PRO B 122 -19.02 25.20 46.65
N SER B 123 -17.76 25.12 46.21
CA SER B 123 -16.70 24.61 47.06
C SER B 123 -16.14 25.71 47.97
N SER B 124 -15.35 25.30 48.95
CA SER B 124 -14.73 26.26 49.85
C SER B 124 -13.63 27.05 49.16
N GLU B 125 -12.98 26.46 48.15
CA GLU B 125 -11.95 27.19 47.41
C GLU B 125 -12.56 28.31 46.56
N GLN B 126 -13.75 28.07 46.03
CA GLN B 126 -14.42 29.10 45.22
C GLN B 126 -14.91 30.24 46.08
N LEU B 127 -15.30 29.97 47.33
CA LEU B 127 -15.78 31.03 48.20
C LEU B 127 -14.70 32.05 48.52
N THR B 128 -13.43 31.64 48.44
CA THR B 128 -12.33 32.58 48.66
C THR B 128 -12.27 33.62 47.54
N SER B 129 -12.75 33.27 46.35
CA SER B 129 -12.72 34.20 45.22
C SER B 129 -13.78 35.28 45.34
N GLY B 130 -14.78 35.09 46.19
CA GLY B 130 -15.84 36.06 46.37
C GLY B 130 -17.13 35.72 45.66
N GLY B 131 -17.11 34.78 44.72
CA GLY B 131 -18.31 34.39 44.01
C GLY B 131 -18.70 32.94 44.26
N ALA B 132 -19.93 32.59 43.91
CA ALA B 132 -20.43 31.23 44.08
C ALA B 132 -20.99 30.72 42.76
N SER B 133 -20.88 29.41 42.56
CA SER B 133 -21.35 28.77 41.34
C SER B 133 -21.92 27.40 41.67
N VAL B 134 -23.21 27.23 41.41
CA VAL B 134 -23.89 25.95 41.62
C VAL B 134 -23.92 25.21 40.30
N VAL B 135 -23.48 23.95 40.30
CA VAL B 135 -23.38 23.13 39.10
C VAL B 135 -24.47 22.07 39.15
N CYS B 136 -25.10 21.83 37.99
CA CYS B 136 -26.14 20.81 37.87
C CYS B 136 -25.87 20.03 36.59
N PHE B 137 -25.55 18.74 36.73
CA PHE B 137 -25.20 17.89 35.61
C PHE B 137 -26.40 17.06 35.18
N LEU B 138 -26.52 16.87 33.86
CA LEU B 138 -27.58 16.04 33.27
C LEU B 138 -26.92 15.20 32.17
N ASN B 139 -26.52 13.98 32.53
CA ASN B 139 -25.75 13.13 31.64
C ASN B 139 -26.58 11.95 31.15
N ASN B 140 -26.23 11.47 29.95
CA ASN B 140 -26.72 10.20 29.40
C ASN B 140 -28.24 10.19 29.28
N PHE B 141 -28.74 11.06 28.39
CA PHE B 141 -30.16 11.09 28.06
C PHE B 141 -30.34 11.17 26.55
N TYR B 142 -31.58 10.95 26.11
CA TYR B 142 -31.97 10.99 24.70
C TYR B 142 -33.46 11.22 24.63
N PRO B 143 -33.96 12.07 23.72
CA PRO B 143 -33.18 12.83 22.74
C PRO B 143 -32.51 14.07 23.31
N LYS B 144 -32.02 14.95 22.42
CA LYS B 144 -31.28 16.12 22.85
C LYS B 144 -32.16 17.26 23.34
N ASP B 145 -33.46 17.23 23.03
CA ASP B 145 -34.37 18.29 23.44
C ASP B 145 -34.68 18.14 24.93
N ILE B 146 -34.09 19.01 25.75
CA ILE B 146 -34.30 19.00 27.19
C ILE B 146 -34.27 20.44 27.68
N ASN B 147 -34.94 20.67 28.82
CA ASN B 147 -35.04 22.00 29.41
C ASN B 147 -34.62 21.95 30.86
N VAL B 148 -34.00 23.03 31.33
CA VAL B 148 -33.51 23.14 32.70
C VAL B 148 -34.07 24.41 33.31
N LYS B 149 -34.20 24.41 34.64
CA LYS B 149 -34.74 25.54 35.37
C LYS B 149 -34.17 25.54 36.78
N TRP B 150 -33.86 26.74 37.29
CA TRP B 150 -33.30 26.92 38.61
C TRP B 150 -34.33 27.55 39.54
N LYS B 151 -34.32 27.12 40.80
CA LYS B 151 -35.22 27.66 41.82
C LYS B 151 -34.40 28.08 43.03
N ILE B 152 -34.66 29.30 43.51
CA ILE B 152 -34.00 29.83 44.70
C ILE B 152 -35.10 30.06 45.73
N ASP B 153 -35.17 29.20 46.73
CA ASP B 153 -36.20 29.25 47.77
C ASP B 153 -37.61 29.18 47.18
N GLY B 154 -37.76 28.46 46.06
CA GLY B 154 -39.03 28.33 45.39
C GLY B 154 -39.27 29.35 44.29
N SER B 155 -38.53 30.46 44.28
CA SER B 155 -38.69 31.48 43.26
C SER B 155 -37.86 31.13 42.02
N GLU B 156 -38.38 31.52 40.86
CA GLU B 156 -37.74 31.22 39.59
C GLU B 156 -36.59 32.18 39.34
N ARG B 157 -35.50 31.65 38.78
CA ARG B 157 -34.31 32.44 38.46
C ARG B 157 -33.85 32.06 37.06
N GLN B 158 -33.84 33.05 36.16
CA GLN B 158 -33.48 32.82 34.76
C GLN B 158 -32.53 33.90 34.26
N ASN B 159 -31.53 34.24 35.07
CA ASN B 159 -30.50 35.19 34.66
C ASN B 159 -29.20 34.83 35.35
N GLY B 160 -28.09 35.14 34.67
CA GLY B 160 -26.78 34.78 35.18
C GLY B 160 -26.46 33.31 35.10
N VAL B 161 -27.21 32.54 34.32
CA VAL B 161 -27.02 31.10 34.20
C VAL B 161 -26.28 30.82 32.89
N LEU B 162 -25.25 29.98 32.97
CA LEU B 162 -24.45 29.59 31.80
C LEU B 162 -24.49 28.07 31.68
N ASN B 163 -25.01 27.59 30.55
CA ASN B 163 -25.14 26.16 30.31
C ASN B 163 -24.58 25.81 28.94
N SER B 164 -24.12 24.56 28.80
CA SER B 164 -23.57 24.07 27.57
C SER B 164 -24.03 22.63 27.35
N TRP B 165 -23.94 22.18 26.10
CA TRP B 165 -24.37 20.84 25.71
C TRP B 165 -23.26 20.12 24.98
N THR B 166 -23.24 18.80 25.12
CA THR B 166 -22.26 17.96 24.45
C THR B 166 -22.87 17.30 23.22
N ASP B 167 -22.01 16.91 22.29
CA ASP B 167 -22.46 16.21 21.09
C ASP B 167 -22.85 14.78 21.45
N GLN B 168 -23.35 14.05 20.44
CA GLN B 168 -23.76 12.67 20.66
C GLN B 168 -22.56 11.79 20.97
N ASP B 169 -22.72 10.92 21.96
CA ASP B 169 -21.63 10.06 22.39
C ASP B 169 -21.34 9.00 21.34
N SER B 170 -20.07 8.66 21.19
CA SER B 170 -19.63 7.65 20.23
C SER B 170 -19.66 6.24 20.81
N LYS B 171 -20.16 6.07 22.02
CA LYS B 171 -20.22 4.75 22.66
C LYS B 171 -21.65 4.31 22.96
N ASP B 172 -22.50 5.20 23.48
CA ASP B 172 -23.89 4.86 23.76
C ASP B 172 -24.88 5.80 23.09
N SER B 173 -24.42 6.76 22.28
CA SER B 173 -25.29 7.65 21.50
C SER B 173 -26.23 8.46 22.40
N THR B 174 -25.69 8.96 23.52
CA THR B 174 -26.45 9.78 24.45
C THR B 174 -25.85 11.19 24.51
N TYR B 175 -26.65 12.11 25.03
CA TYR B 175 -26.25 13.51 25.17
C TYR B 175 -26.08 13.87 26.63
N SER B 176 -25.55 15.07 26.87
CA SER B 176 -25.31 15.55 28.22
C SER B 176 -25.38 17.07 28.23
N MET B 177 -25.67 17.61 29.41
CA MET B 177 -25.80 19.06 29.59
C MET B 177 -25.31 19.45 30.97
N SER B 178 -24.64 20.60 31.05
CA SER B 178 -24.14 21.13 32.31
C SER B 178 -24.58 22.58 32.44
N SER B 179 -25.33 22.87 33.50
CA SER B 179 -25.79 24.22 33.80
C SER B 179 -25.09 24.74 35.05
N THR B 180 -24.82 26.05 35.06
CA THR B 180 -24.09 26.67 36.15
C THR B 180 -24.74 28.01 36.48
N LEU B 181 -25.21 28.15 37.71
CA LEU B 181 -25.79 29.40 38.22
C LEU B 181 -24.71 30.15 38.99
N THR B 182 -24.26 31.27 38.44
CA THR B 182 -23.18 32.05 39.03
C THR B 182 -23.75 33.23 39.81
N LEU B 183 -23.33 33.34 41.07
CA LEU B 183 -23.73 34.45 41.94
C LEU B 183 -22.53 34.87 42.78
N THR B 184 -22.74 35.85 43.64
CA THR B 184 -21.71 36.35 44.54
C THR B 184 -21.92 35.81 45.95
N LYS B 185 -20.92 36.00 46.79
CA LYS B 185 -21.04 35.58 48.19
C LYS B 185 -22.09 36.40 48.93
N ASP B 186 -22.19 37.70 48.60
CA ASP B 186 -23.17 38.55 49.26
C ASP B 186 -24.59 38.05 49.02
N GLU B 187 -24.87 37.57 47.81
CA GLU B 187 -26.21 37.05 47.50
C GLU B 187 -26.36 35.60 47.91
N TYR B 188 -25.28 34.82 47.90
CA TYR B 188 -25.36 33.41 48.25
C TYR B 188 -25.66 33.22 49.74
N GLU B 189 -25.24 34.15 50.59
CA GLU B 189 -25.48 34.05 52.02
C GLU B 189 -26.87 34.53 52.43
N ARG B 190 -27.68 35.00 51.48
CA ARG B 190 -29.02 35.49 51.79
C ARG B 190 -30.06 34.38 51.75
N HIS B 191 -29.91 33.42 50.85
CA HIS B 191 -30.87 32.34 50.66
C HIS B 191 -30.34 31.04 51.27
N ASN B 192 -31.24 30.06 51.39
CA ASN B 192 -30.93 28.79 52.02
C ASN B 192 -30.97 27.61 51.05
N SER B 193 -32.08 27.44 50.33
CA SER B 193 -32.28 26.28 49.48
C SER B 193 -32.09 26.66 48.01
N TYR B 194 -31.53 25.73 47.24
CA TYR B 194 -31.34 25.88 45.80
C TYR B 194 -31.77 24.61 45.12
N THR B 195 -32.59 24.75 44.07
CA THR B 195 -33.19 23.60 43.39
C THR B 195 -32.87 23.65 41.91
N CYS B 196 -32.63 22.47 41.33
CA CYS B 196 -32.36 22.31 39.91
C CYS B 196 -33.41 21.36 39.33
N GLU B 197 -34.33 21.91 38.53
CA GLU B 197 -35.38 21.13 37.90
C GLU B 197 -35.07 20.90 36.42
N ALA B 198 -35.65 19.84 35.88
CA ALA B 198 -35.44 19.47 34.50
C ALA B 198 -36.71 18.87 33.92
N THR B 199 -36.99 19.19 32.65
CA THR B 199 -38.16 18.70 31.95
C THR B 199 -37.73 17.98 30.69
N HIS B 200 -38.05 16.70 30.59
CA HIS B 200 -37.70 15.88 29.44
C HIS B 200 -38.93 15.09 28.99
N LYS B 201 -38.90 14.65 27.73
CA LYS B 201 -40.04 13.93 27.19
C LYS B 201 -40.16 12.50 27.72
N THR B 202 -39.16 12.01 28.45
CA THR B 202 -39.26 10.68 29.03
C THR B 202 -40.30 10.60 30.14
N SER B 203 -40.63 11.73 30.76
CA SER B 203 -41.64 11.78 31.82
C SER B 203 -42.18 13.19 31.92
N THR B 204 -43.51 13.32 31.88
CA THR B 204 -44.13 14.64 31.98
C THR B 204 -43.87 15.30 33.32
N SER B 205 -43.68 14.50 34.37
CA SER B 205 -43.36 15.05 35.68
C SER B 205 -41.90 15.48 35.73
N PRO B 206 -41.60 16.74 36.06
CA PRO B 206 -40.21 17.17 36.07
C PRO B 206 -39.45 16.59 37.24
N ILE B 207 -38.20 16.20 36.99
CA ILE B 207 -37.33 15.66 38.03
C ILE B 207 -36.75 16.80 38.84
N VAL B 208 -36.66 16.59 40.16
CA VAL B 208 -36.27 17.64 41.09
C VAL B 208 -35.10 17.16 41.93
N LYS B 209 -34.08 18.00 42.08
CA LYS B 209 -32.95 17.71 42.96
C LYS B 209 -32.46 19.02 43.56
N SER B 210 -32.52 19.13 44.88
CA SER B 210 -32.20 20.36 45.58
C SER B 210 -31.25 20.07 46.74
N PHE B 211 -30.83 21.13 47.43
CA PHE B 211 -29.96 21.03 48.58
C PHE B 211 -30.08 22.30 49.41
N ASN B 212 -29.86 22.16 50.71
CA ASN B 212 -29.95 23.29 51.63
C ASN B 212 -28.56 23.78 52.01
N ARG B 213 -28.52 24.94 52.67
CA ARG B 213 -27.27 25.55 53.09
C ARG B 213 -27.12 25.52 54.60
N THR C 13 24.29 33.26 -50.64
CA THR C 13 23.33 32.69 -51.59
C THR C 13 22.08 32.20 -50.87
N ASP C 14 21.02 32.97 -50.93
CA ASP C 14 19.76 32.65 -50.27
C ASP C 14 18.73 32.16 -51.28
N THR C 15 17.71 31.47 -50.75
CA THR C 15 16.63 30.94 -51.57
C THR C 15 15.32 31.14 -50.82
N ALA C 16 14.22 31.22 -51.57
CA ALA C 16 12.90 31.51 -51.01
C ALA C 16 12.36 30.29 -50.30
N HIS C 17 12.92 30.03 -49.10
CA HIS C 17 12.44 28.98 -48.22
C HIS C 17 12.03 29.56 -46.86
N GLY C 18 11.47 30.76 -46.87
CA GLY C 18 11.15 31.46 -45.65
C GLY C 18 9.99 30.85 -44.89
N SER C 19 9.71 31.44 -43.73
CA SER C 19 8.61 31.01 -42.88
C SER C 19 7.36 31.83 -43.20
N GLY C 20 6.25 31.44 -42.57
CA GLY C 20 4.99 32.12 -42.80
C GLY C 20 5.02 33.51 -42.19
N ILE C 21 4.85 34.54 -43.03
CA ILE C 21 4.83 35.92 -42.55
C ILE C 21 3.41 36.29 -42.17
N ILE C 22 3.24 36.78 -40.95
CA ILE C 22 1.91 37.11 -40.43
C ILE C 22 1.84 38.58 -40.08
N PRO C 23 1.00 39.37 -40.76
CA PRO C 23 0.86 40.77 -40.37
C PRO C 23 0.09 40.91 -39.07
N MET C 24 0.58 41.79 -38.21
CA MET C 24 0.01 41.96 -36.87
C MET C 24 -0.99 43.12 -36.84
N ARG C 25 -2.03 43.00 -37.68
CA ARG C 25 -3.14 43.94 -37.61
C ARG C 25 -4.02 43.64 -36.41
N THR C 26 -4.21 42.36 -36.10
CA THR C 26 -4.99 41.92 -34.95
C THR C 26 -4.14 40.97 -34.12
N ASP C 27 -4.66 40.61 -32.95
CA ASP C 27 -3.97 39.67 -32.09
C ASP C 27 -3.89 38.29 -32.73
N LEU C 28 -2.88 37.53 -32.36
CA LEU C 28 -2.63 36.19 -32.91
C LEU C 28 -2.98 35.17 -31.83
N GLU C 29 -4.13 34.52 -31.99
CA GLU C 29 -4.58 33.50 -31.06
C GLU C 29 -4.49 32.13 -31.74
N LEU C 30 -4.13 31.12 -30.95
CA LEU C 30 -3.94 29.77 -31.46
C LEU C 30 -4.43 28.75 -30.45
N ASP C 31 -5.03 27.67 -30.94
CA ASP C 31 -5.41 26.53 -30.12
C ASP C 31 -4.69 25.29 -30.63
N PHE C 32 -4.16 24.50 -29.70
CA PHE C 32 -3.41 23.31 -30.03
C PHE C 32 -3.97 22.11 -29.30
N SER C 33 -3.86 20.93 -29.94
CA SER C 33 -4.21 19.66 -29.33
C SER C 33 -3.00 18.75 -29.49
N LEU C 34 -2.07 18.84 -28.56
CA LEU C 34 -0.83 18.08 -28.65
C LEU C 34 -1.07 16.63 -28.27
N PRO C 35 -0.61 15.68 -29.09
CA PRO C 35 -0.62 14.28 -28.67
C PRO C 35 0.27 14.05 -27.47
N SER C 36 0.19 12.83 -26.92
CA SER C 36 0.96 12.53 -25.70
C SER C 36 2.46 12.53 -25.99
N SER C 37 2.90 11.66 -26.88
CA SER C 37 4.32 11.54 -27.23
C SER C 37 4.64 12.35 -28.49
N ALA C 38 4.39 13.66 -28.43
CA ALA C 38 4.64 14.53 -29.57
C ALA C 38 5.18 15.86 -29.09
N SER C 39 6.17 16.38 -29.83
CA SER C 39 6.77 17.68 -29.56
C SER C 39 6.49 18.60 -30.74
N TYR C 40 5.89 19.75 -30.44
CA TYR C 40 5.48 20.70 -31.47
C TYR C 40 6.54 21.78 -31.66
N THR C 41 6.62 22.28 -32.90
CA THR C 41 7.54 23.37 -33.26
C THR C 41 6.78 24.31 -34.19
N TYR C 42 6.20 25.36 -33.61
CA TYR C 42 5.47 26.37 -34.36
C TYR C 42 6.31 27.63 -34.41
N ARG C 43 6.63 28.09 -35.61
CA ARG C 43 7.43 29.30 -35.78
C ARG C 43 6.91 30.08 -36.98
N ARG C 44 6.84 31.40 -36.83
CA ARG C 44 6.41 32.30 -37.88
C ARG C 44 7.29 33.54 -37.83
N GLN C 45 6.91 34.57 -38.59
CA GLN C 45 7.58 35.86 -38.57
C GLN C 45 6.52 36.94 -38.51
N LEU C 46 6.37 37.58 -37.35
CA LEU C 46 5.36 38.60 -37.15
C LEU C 46 5.79 39.90 -37.81
N GLN C 47 4.93 40.43 -38.68
CA GLN C 47 5.26 41.59 -39.50
C GLN C 47 4.59 42.84 -38.95
N ASN C 48 5.34 43.93 -38.92
CA ASN C 48 4.79 45.22 -38.52
C ASN C 48 3.83 45.71 -39.59
N PRO C 49 2.55 45.97 -39.28
CA PRO C 49 1.63 46.47 -40.30
C PRO C 49 1.95 47.88 -40.80
N ALA C 50 2.92 48.55 -40.19
CA ALA C 50 3.34 49.89 -40.63
C ALA C 50 4.61 49.87 -41.47
N ASN C 51 5.25 48.71 -41.62
CA ASN C 51 6.47 48.61 -42.42
C ASN C 51 6.61 47.16 -42.89
N GLU C 52 6.61 46.95 -44.21
CA GLU C 52 6.69 45.59 -44.74
C GLU C 52 8.04 44.96 -44.45
N GLN C 53 9.08 45.76 -44.30
CA GLN C 53 10.44 45.25 -44.11
C GLN C 53 10.81 45.09 -42.64
N GLU C 54 9.87 45.29 -41.73
CA GLU C 54 10.10 45.09 -40.30
C GLU C 54 9.41 43.79 -39.88
N LYS C 55 10.21 42.75 -39.64
CA LYS C 55 9.69 41.46 -39.22
C LYS C 55 10.55 40.92 -38.09
N ILE C 56 9.89 40.32 -37.10
CA ILE C 56 10.58 39.73 -35.96
C ILE C 56 10.24 38.24 -35.90
N PRO C 57 11.17 37.38 -35.52
CA PRO C 57 10.87 35.95 -35.44
C PRO C 57 10.08 35.61 -34.18
N PHE C 58 9.21 34.61 -34.33
CA PHE C 58 8.40 34.09 -33.22
C PHE C 58 8.48 32.58 -33.25
N HIS C 59 9.09 32.00 -32.22
CA HIS C 59 9.26 30.55 -32.12
C HIS C 59 8.54 30.03 -30.89
N LEU C 60 7.89 28.89 -31.03
CA LEU C 60 7.16 28.24 -29.95
C LEU C 60 7.52 26.77 -29.93
N GLN C 61 8.16 26.33 -28.85
CA GLN C 61 8.62 24.96 -28.68
C GLN C 61 7.93 24.35 -27.47
N ILE C 62 7.23 23.25 -27.67
CA ILE C 62 6.52 22.55 -26.61
C ILE C 62 7.02 21.11 -26.55
N SER C 63 7.37 20.65 -25.36
CA SER C 63 7.96 19.33 -25.18
C SER C 63 6.86 18.27 -25.10
N LYS C 64 7.24 17.05 -24.74
CA LYS C 64 6.28 15.97 -24.59
C LYS C 64 5.54 16.11 -23.26
N GLN C 65 4.54 15.25 -23.08
CA GLN C 65 3.70 15.27 -21.89
C GLN C 65 4.34 14.43 -20.78
N VAL C 66 4.41 15.00 -19.58
CA VAL C 66 4.96 14.33 -18.41
C VAL C 66 3.79 14.03 -17.47
N ILE C 67 3.48 12.75 -17.31
CA ILE C 67 2.36 12.31 -16.48
C ILE C 67 2.87 12.05 -15.07
N HIS C 68 2.33 12.79 -14.10
CA HIS C 68 2.66 12.62 -12.69
C HIS C 68 1.44 12.07 -11.97
N ALA C 69 1.56 10.87 -11.42
CA ALA C 69 0.46 10.18 -10.78
C ALA C 69 0.83 9.85 -9.34
N GLU C 70 0.19 10.53 -8.39
CA GLU C 70 0.31 10.15 -6.99
C GLU C 70 -0.42 8.83 -6.78
N ILE C 71 0.33 7.80 -6.40
CA ILE C 71 -0.19 6.44 -6.37
C ILE C 71 -0.19 5.91 -4.94
N GLN C 72 -0.85 4.76 -4.77
CA GLN C 72 -0.86 4.03 -3.52
C GLN C 72 -0.28 2.65 -3.77
N HIS C 73 0.79 2.31 -3.06
CA HIS C 73 1.45 1.02 -3.25
C HIS C 73 0.56 -0.09 -2.72
N LEU C 74 -0.02 -0.88 -3.63
CA LEU C 74 -0.87 -1.99 -3.22
C LEU C 74 -0.08 -3.19 -2.77
N GLY C 75 1.14 -3.37 -3.28
CA GLY C 75 2.00 -4.47 -2.90
C GLY C 75 2.29 -5.38 -4.07
N HIS C 76 2.58 -6.64 -3.76
CA HIS C 76 2.89 -7.65 -4.77
C HIS C 76 1.71 -8.58 -4.96
N TRP C 77 1.49 -8.99 -6.21
CA TRP C 77 0.46 -9.97 -6.54
C TRP C 77 1.06 -11.37 -6.49
N MET C 78 0.45 -12.24 -5.71
CA MET C 78 0.97 -13.59 -5.50
C MET C 78 0.15 -14.60 -6.30
N ASP C 79 0.83 -15.67 -6.72
CA ASP C 79 0.21 -16.79 -7.42
C ASP C 79 0.43 -18.06 -6.63
N GLY C 80 -0.63 -18.84 -6.44
CA GLY C 80 -0.56 -20.07 -5.67
C GLY C 80 -1.24 -21.21 -6.40
N THR C 81 -1.23 -22.37 -5.74
CA THR C 81 -1.84 -23.59 -6.26
C THR C 81 -2.91 -24.08 -5.29
N PHE C 82 -4.04 -24.52 -5.84
CA PHE C 82 -5.15 -25.00 -5.04
C PHE C 82 -4.89 -26.40 -4.52
N ASN C 83 -5.21 -26.63 -3.25
CA ASN C 83 -5.05 -27.94 -2.63
C ASN C 83 -6.15 -28.15 -1.61
N LEU C 84 -6.61 -29.38 -1.49
CA LEU C 84 -7.68 -29.74 -0.56
C LEU C 84 -7.31 -31.03 0.16
N LYS C 85 -7.46 -31.03 1.48
CA LYS C 85 -7.20 -32.21 2.30
C LYS C 85 -8.37 -32.43 3.24
N THR C 86 -8.47 -33.67 3.73
CA THR C 86 -9.54 -34.07 4.63
C THR C 86 -8.95 -34.76 5.85
N ALA C 87 -9.54 -34.48 7.01
CA ALA C 87 -9.10 -35.07 8.28
C ALA C 87 -10.31 -35.62 9.01
N PHE C 88 -10.26 -36.89 9.37
CA PHE C 88 -11.35 -37.57 10.07
C PHE C 88 -10.89 -37.99 11.46
N HIS C 89 -11.80 -37.90 12.42
CA HIS C 89 -11.55 -38.34 13.78
C HIS C 89 -12.79 -39.05 14.31
N CYS C 90 -12.56 -40.08 15.14
CA CYS C 90 -13.66 -40.91 15.62
C CYS C 90 -14.34 -40.30 16.84
N TYR C 91 -13.58 -39.83 17.81
CA TYR C 91 -14.12 -39.25 19.02
C TYR C 91 -13.55 -37.86 19.22
N GLY C 92 -14.21 -37.09 20.07
CA GLY C 92 -13.77 -35.73 20.35
C GLY C 92 -14.53 -34.68 19.57
N SER C 93 -13.90 -33.53 19.35
CA SER C 93 -14.50 -32.42 18.62
C SER C 93 -13.52 -31.92 17.56
N CYS C 94 -14.05 -31.12 16.63
CA CYS C 94 -13.22 -30.58 15.57
C CYS C 94 -12.30 -29.48 16.07
N GLU C 95 -12.69 -28.79 17.15
CA GLU C 95 -11.89 -27.71 17.73
C GLU C 95 -10.96 -28.21 18.82
N LYS C 96 -10.53 -29.46 18.75
CA LYS C 96 -9.66 -30.08 19.75
C LYS C 96 -8.28 -30.41 19.20
N TYR C 97 -8.18 -30.81 17.94
CA TYR C 97 -6.92 -31.22 17.34
C TYR C 97 -6.45 -30.18 16.32
N ALA C 98 -5.22 -30.35 15.86
CA ALA C 98 -4.62 -29.49 14.86
C ALA C 98 -4.58 -30.20 13.51
N TYR C 99 -4.35 -29.42 12.46
CA TYR C 99 -4.34 -29.92 11.09
C TYR C 99 -3.19 -29.28 10.32
N PRO C 100 -2.61 -29.99 9.35
CA PRO C 100 -1.47 -29.43 8.62
C PRO C 100 -1.81 -28.23 7.75
N TRP C 101 -3.07 -28.00 7.44
CA TRP C 101 -3.45 -26.85 6.62
C TRP C 101 -3.57 -25.57 7.44
N GLN C 102 -3.76 -25.69 8.75
CA GLN C 102 -3.93 -24.51 9.59
C GLN C 102 -2.66 -23.67 9.69
N THR C 103 -1.50 -24.25 9.36
CA THR C 103 -0.22 -23.55 9.47
C THR C 103 0.28 -23.04 8.13
N ALA C 104 -0.52 -23.15 7.06
CA ALA C 104 -0.11 -22.68 5.75
C ALA C 104 -0.23 -21.16 5.67
N GLY C 105 0.13 -20.60 4.52
CA GLY C 105 0.03 -19.16 4.34
C GLY C 105 -1.41 -18.69 4.23
N CYS C 106 -2.17 -19.31 3.33
CA CYS C 106 -3.58 -19.01 3.15
C CYS C 106 -4.36 -20.32 3.28
N PHE C 107 -5.37 -20.33 4.15
CA PHE C 107 -6.15 -21.54 4.36
C PHE C 107 -7.57 -21.18 4.78
N ILE C 108 -8.54 -21.96 4.30
CA ILE C 108 -9.94 -21.84 4.67
C ILE C 108 -10.43 -23.23 5.03
N GLU C 109 -11.00 -23.37 6.23
CA GLU C 109 -11.41 -24.66 6.77
C GLU C 109 -12.89 -24.66 7.07
N LYS C 110 -13.59 -25.69 6.59
CA LYS C 110 -14.98 -25.94 6.93
C LYS C 110 -15.08 -27.35 7.50
N ASP C 111 -15.53 -27.46 8.75
CA ASP C 111 -15.58 -28.72 9.47
C ASP C 111 -17.02 -29.09 9.79
N TYR C 112 -17.30 -30.39 9.74
CA TYR C 112 -18.62 -30.93 10.09
C TYR C 112 -18.56 -31.47 11.51
N GLU C 113 -18.60 -30.56 12.47
CA GLU C 113 -18.47 -30.91 13.87
C GLU C 113 -19.72 -31.62 14.38
N TYR C 114 -19.53 -32.76 15.03
CA TYR C 114 -20.58 -33.57 15.64
C TYR C 114 -21.55 -34.17 14.63
N GLU C 115 -21.23 -34.14 13.34
CA GLU C 115 -22.11 -34.63 12.29
C GLU C 115 -21.74 -36.04 11.83
N SER C 116 -21.27 -36.89 12.74
CA SER C 116 -20.89 -38.26 12.40
C SER C 116 -22.12 -39.14 12.52
N GLY C 117 -22.68 -39.52 11.37
CA GLY C 117 -23.80 -40.45 11.36
C GLY C 117 -23.34 -41.89 11.30
N TRP C 118 -23.89 -42.66 10.37
CA TRP C 118 -23.40 -44.02 10.13
C TRP C 118 -23.21 -44.35 8.65
N GLY C 119 -23.90 -43.66 7.73
CA GLY C 119 -23.71 -43.94 6.32
C GLY C 119 -22.39 -43.42 5.78
N CYS C 120 -21.85 -42.37 6.39
CA CYS C 120 -20.56 -41.82 6.01
C CYS C 120 -19.42 -42.34 6.86
N ASN C 121 -19.68 -43.27 7.77
CA ASN C 121 -18.69 -43.74 8.72
C ASN C 121 -17.79 -44.82 8.10
N PRO C 122 -16.55 -44.92 8.55
CA PRO C 122 -15.64 -45.94 8.01
C PRO C 122 -15.92 -47.29 8.61
N PRO C 123 -15.18 -48.34 8.22
CA PRO C 123 -15.34 -49.64 8.91
C PRO C 123 -15.09 -49.54 10.41
N ASP C 124 -14.22 -48.64 10.84
CA ASP C 124 -14.02 -48.39 12.25
C ASP C 124 -15.04 -47.37 12.76
N CYS C 125 -14.96 -47.05 14.05
CA CYS C 125 -15.79 -46.05 14.69
C CYS C 125 -17.28 -46.35 14.56
N PRO C 126 -17.81 -47.38 15.23
CA PRO C 126 -19.26 -47.63 15.21
C PRO C 126 -20.03 -46.68 16.13
N GLY C 127 -19.90 -45.38 15.86
CA GLY C 127 -20.54 -44.38 16.69
C GLY C 127 -21.38 -43.43 15.85
N VAL C 128 -22.23 -42.68 16.54
CA VAL C 128 -23.13 -41.73 15.93
C VAL C 128 -23.05 -40.40 16.69
N GLY C 129 -22.89 -39.31 15.96
CA GLY C 129 -22.84 -37.98 16.57
C GLY C 129 -21.69 -37.78 17.51
N THR C 130 -20.54 -38.37 17.23
CA THR C 130 -19.37 -38.24 18.10
C THR C 130 -18.07 -37.95 17.37
N GLY C 131 -18.03 -38.09 16.04
CA GLY C 131 -16.82 -37.89 15.29
C GLY C 131 -16.63 -36.45 14.84
N CYS C 132 -15.65 -36.27 13.96
CA CYS C 132 -15.33 -34.96 13.42
C CYS C 132 -14.74 -35.12 12.03
N THR C 133 -15.24 -34.34 11.07
CA THR C 133 -14.76 -34.36 9.69
C THR C 133 -14.38 -32.93 9.32
N ALA C 134 -13.08 -32.65 9.29
CA ALA C 134 -12.57 -31.33 8.95
C ALA C 134 -12.02 -31.34 7.53
N CYS C 135 -12.26 -30.25 6.80
CA CYS C 135 -11.81 -30.09 5.43
C CYS C 135 -11.02 -28.79 5.31
N GLY C 136 -9.82 -28.87 4.75
CA GLY C 136 -8.97 -27.71 4.63
C GLY C 136 -8.53 -27.38 3.22
N VAL C 137 -8.83 -26.18 2.77
CA VAL C 137 -8.37 -25.67 1.48
C VAL C 137 -7.24 -24.69 1.75
N TYR C 138 -6.06 -25.00 1.22
CA TYR C 138 -4.88 -24.16 1.41
C TYR C 138 -4.21 -23.91 0.07
N LEU C 139 -3.32 -22.91 0.06
CA LEU C 139 -2.60 -22.51 -1.13
C LEU C 139 -1.10 -22.63 -0.88
N ASP C 140 -0.39 -23.25 -1.81
CA ASP C 140 1.05 -23.43 -1.72
C ASP C 140 1.71 -22.85 -2.97
N LYS C 141 3.05 -22.88 -2.97
CA LYS C 141 3.86 -22.34 -4.07
C LYS C 141 3.53 -20.87 -4.34
N LEU C 142 3.44 -20.10 -3.25
CA LEU C 142 3.16 -18.68 -3.36
C LEU C 142 4.40 -17.94 -3.87
N LYS C 143 4.29 -17.36 -5.06
CA LYS C 143 5.38 -16.64 -5.69
C LYS C 143 4.85 -15.37 -6.31
N SER C 144 5.64 -14.29 -6.22
CA SER C 144 5.21 -13.01 -6.74
C SER C 144 5.25 -13.00 -8.26
N VAL C 145 4.22 -12.41 -8.87
CA VAL C 145 4.14 -12.33 -10.33
C VAL C 145 4.12 -10.90 -10.84
N GLY C 146 3.84 -9.90 -10.00
CA GLY C 146 3.81 -8.53 -10.46
C GLY C 146 3.57 -7.58 -9.30
N LYS C 147 3.69 -6.29 -9.62
CA LYS C 147 3.50 -5.22 -8.65
C LYS C 147 2.29 -4.39 -9.05
N ALA C 148 1.49 -3.98 -8.07
CA ALA C 148 0.25 -3.26 -8.30
C ALA C 148 0.29 -1.90 -7.61
N PHE C 149 -0.21 -0.89 -8.31
CA PHE C 149 -0.33 0.46 -7.78
C PHE C 149 -1.73 1.00 -8.09
N LYS C 150 -2.22 1.86 -7.20
CA LYS C 150 -3.56 2.42 -7.31
C LYS C 150 -3.45 3.93 -7.45
N ILE C 151 -4.07 4.48 -8.50
CA ILE C 151 -3.96 5.90 -8.80
C ILE C 151 -4.83 6.69 -7.82
N VAL C 152 -4.22 7.71 -7.20
CA VAL C 152 -4.94 8.60 -6.30
C VAL C 152 -5.24 9.95 -6.96
N SER C 153 -4.27 10.51 -7.67
CA SER C 153 -4.46 11.77 -8.38
C SER C 153 -3.56 11.80 -9.59
N LEU C 154 -3.88 12.70 -10.52
CA LEU C 154 -3.14 12.82 -11.78
C LEU C 154 -2.74 14.27 -12.01
N ARG C 155 -1.62 14.45 -12.70
CA ARG C 155 -1.10 15.77 -13.02
C ARG C 155 -0.31 15.67 -14.32
N TYR C 156 -0.53 16.64 -15.21
CA TYR C 156 0.11 16.67 -16.52
C TYR C 156 0.84 17.99 -16.70
N THR C 157 2.12 17.91 -17.06
CA THR C 157 2.96 19.09 -17.22
C THR C 157 3.70 19.02 -18.55
N ARG C 158 3.95 20.20 -19.11
CA ARG C 158 4.70 20.33 -20.36
C ARG C 158 5.62 21.53 -20.26
N LYS C 159 6.82 21.40 -20.80
CA LYS C 159 7.81 22.47 -20.79
C LYS C 159 7.74 23.22 -22.11
N ALA C 160 7.54 24.54 -22.03
CA ALA C 160 7.36 25.38 -23.21
C ALA C 160 8.40 26.49 -23.23
N CYS C 161 8.93 26.77 -24.41
CA CYS C 161 9.88 27.84 -24.63
C CYS C 161 9.41 28.73 -25.78
N ILE C 162 9.50 30.03 -25.58
CA ILE C 162 9.11 31.01 -26.59
C ILE C 162 10.33 31.85 -26.96
N GLN C 163 10.33 32.33 -28.21
CA GLN C 163 11.40 33.17 -28.73
C GLN C 163 10.76 34.25 -29.58
N LEU C 164 10.72 35.49 -29.06
CA LEU C 164 10.10 36.61 -29.75
C LEU C 164 11.16 37.71 -29.92
N GLY C 165 11.57 37.94 -31.16
CA GLY C 165 12.59 38.94 -31.44
C GLY C 165 13.92 38.57 -30.81
N THR C 166 14.30 39.31 -29.75
CA THR C 166 15.52 39.03 -29.02
C THR C 166 15.27 38.45 -27.63
N GLU C 167 14.02 38.38 -27.18
CA GLU C 167 13.70 37.86 -25.86
C GLU C 167 13.47 36.35 -25.94
N GLN C 168 13.89 35.65 -24.89
CA GLN C 168 13.73 34.21 -24.77
C GLN C 168 13.25 33.88 -23.37
N THR C 169 12.16 33.11 -23.28
CA THR C 169 11.57 32.76 -22.00
C THR C 169 11.09 31.32 -22.02
N CYS C 170 11.39 30.57 -20.96
CA CYS C 170 10.98 29.19 -20.83
C CYS C 170 10.32 28.98 -19.46
N LYS C 171 9.43 27.99 -19.41
CA LYS C 171 8.70 27.68 -18.18
C LYS C 171 8.06 26.31 -18.34
N SER C 172 7.82 25.65 -17.21
CA SER C 172 7.11 24.37 -17.18
C SER C 172 5.65 24.67 -16.86
N VAL C 173 4.81 24.63 -17.89
CA VAL C 173 3.40 25.01 -17.77
C VAL C 173 2.62 23.84 -17.18
N ASP C 174 1.97 24.07 -16.05
CA ASP C 174 1.11 23.09 -15.41
C ASP C 174 -0.34 23.36 -15.78
N SER C 175 -1.26 22.62 -15.16
CA SER C 175 -2.67 22.86 -15.41
C SER C 175 -3.16 24.11 -14.71
N ASN C 176 -2.56 24.47 -13.58
CA ASN C 176 -2.91 25.65 -12.81
C ASN C 176 -1.88 26.76 -12.98
N ASP C 177 -1.20 26.81 -14.12
CA ASP C 177 -0.17 27.79 -14.36
C ASP C 177 -0.09 28.07 -15.85
N CYS C 178 0.44 29.25 -16.19
CA CYS C 178 0.63 29.66 -17.57
C CYS C 178 1.92 30.44 -17.72
N LEU C 179 2.59 30.27 -18.85
CA LEU C 179 3.76 31.07 -19.20
C LEU C 179 3.27 32.40 -19.74
N VAL C 180 3.33 33.44 -18.92
CA VAL C 180 2.81 34.76 -19.26
C VAL C 180 3.97 35.73 -19.34
N THR C 181 4.10 36.41 -20.47
CA THR C 181 5.10 37.44 -20.68
C THR C 181 4.40 38.76 -21.03
N THR C 182 5.19 39.77 -21.37
CA THR C 182 4.62 41.08 -21.69
C THR C 182 3.88 41.08 -23.02
N SER C 183 4.15 40.11 -23.89
CA SER C 183 3.50 40.04 -25.20
C SER C 183 2.96 38.67 -25.56
N VAL C 184 3.41 37.59 -24.93
CA VAL C 184 2.97 36.24 -25.24
C VAL C 184 2.42 35.60 -23.99
N LYS C 185 1.40 34.76 -24.17
CA LYS C 185 0.79 34.01 -23.08
C LYS C 185 0.46 32.61 -23.56
N VAL C 186 0.97 31.60 -22.86
CA VAL C 186 0.74 30.19 -23.19
C VAL C 186 0.10 29.53 -21.97
N CYS C 187 -1.09 28.97 -22.17
CA CYS C 187 -1.84 28.32 -21.10
C CYS C 187 -2.12 26.87 -21.44
N LEU C 188 -2.17 26.03 -20.40
CA LEU C 188 -2.58 24.63 -20.52
C LEU C 188 -3.88 24.48 -19.74
N ILE C 189 -4.96 24.20 -20.44
CA ILE C 189 -6.31 24.22 -19.87
C ILE C 189 -6.87 22.81 -19.71
N GLY C 190 -6.92 22.04 -20.79
CA GLY C 190 -7.54 20.73 -20.73
C GLY C 190 -6.60 19.58 -21.06
N THR C 191 -6.96 18.37 -20.65
CA THR C 191 -6.15 17.19 -20.93
C THR C 191 -7.07 15.98 -21.03
N VAL C 192 -7.20 15.43 -22.23
CA VAL C 192 -7.93 14.18 -22.43
C VAL C 192 -6.98 13.03 -22.12
N SER C 193 -7.34 12.21 -21.14
CA SER C 193 -6.46 11.19 -20.60
C SER C 193 -7.06 9.81 -20.75
N LYS C 194 -6.19 8.83 -21.04
CA LYS C 194 -6.61 7.43 -21.01
C LYS C 194 -6.75 6.92 -19.57
N PHE C 195 -5.94 7.45 -18.67
CA PHE C 195 -5.98 7.07 -17.27
C PHE C 195 -6.85 8.04 -16.48
N GLN C 196 -7.41 7.54 -15.38
CA GLN C 196 -8.21 8.34 -14.46
C GLN C 196 -8.07 7.74 -13.07
N PRO C 197 -8.38 8.51 -12.02
CA PRO C 197 -8.19 8.00 -10.65
C PRO C 197 -8.95 6.70 -10.39
N SER C 198 -8.56 6.03 -9.30
CA SER C 198 -9.12 4.76 -8.85
C SER C 198 -8.81 3.61 -9.81
N ASP C 199 -7.83 3.78 -10.69
CA ASP C 199 -7.38 2.70 -11.55
C ASP C 199 -6.21 1.97 -10.92
N THR C 200 -6.03 0.71 -11.32
CA THR C 200 -4.98 -0.15 -10.79
C THR C 200 -4.02 -0.50 -11.91
N LEU C 201 -2.77 -0.07 -11.78
CA LEU C 201 -1.73 -0.35 -12.77
C LEU C 201 -0.91 -1.54 -12.27
N LEU C 202 -0.85 -2.59 -13.09
CA LEU C 202 -0.14 -3.82 -12.74
C LEU C 202 1.04 -4.00 -13.69
N PHE C 203 2.24 -4.11 -13.12
CA PHE C 203 3.47 -4.33 -13.88
C PHE C 203 3.94 -5.76 -13.63
N LEU C 204 3.85 -6.60 -14.64
CA LEU C 204 4.27 -7.99 -14.49
C LEU C 204 5.79 -8.10 -14.33
N GLY C 205 6.54 -7.46 -15.22
CA GLY C 205 7.97 -7.44 -15.13
C GLY C 205 8.49 -6.10 -14.65
N PRO C 206 9.56 -5.60 -15.29
CA PRO C 206 10.05 -4.27 -14.92
C PRO C 206 9.13 -3.16 -15.39
N LEU C 207 9.51 -1.90 -15.15
CA LEU C 207 8.64 -0.79 -15.50
C LEU C 207 8.61 -0.56 -17.00
N GLU C 208 9.78 -0.55 -17.65
CA GLU C 208 9.85 -0.20 -19.07
C GLU C 208 9.04 -1.13 -19.95
N GLN C 209 8.72 -2.34 -19.49
CA GLN C 209 7.93 -3.28 -20.28
C GLN C 209 6.44 -2.92 -20.32
N GLY C 210 6.02 -1.90 -19.58
CA GLY C 210 4.62 -1.53 -19.55
C GLY C 210 3.84 -2.35 -18.53
N GLY C 211 2.53 -2.25 -18.64
CA GLY C 211 1.67 -2.97 -17.73
C GLY C 211 0.24 -3.03 -18.22
N LEU C 212 -0.66 -3.39 -17.30
CA LEU C 212 -2.07 -3.50 -17.58
C LEU C 212 -2.86 -2.61 -16.64
N ILE C 213 -4.11 -2.35 -17.01
CA ILE C 213 -5.00 -1.47 -16.26
C ILE C 213 -6.20 -2.29 -15.80
N PHE C 214 -6.46 -2.26 -14.49
CA PHE C 214 -7.58 -2.97 -13.88
C PHE C 214 -8.47 -1.97 -13.17
N LYS C 215 -9.78 -2.07 -13.40
CA LYS C 215 -10.75 -1.21 -12.74
C LYS C 215 -11.42 -1.88 -11.54
N GLN C 216 -11.86 -3.11 -11.70
CA GLN C 216 -12.50 -3.86 -10.61
C GLN C 216 -11.48 -4.69 -9.83
N TRP C 217 -10.41 -4.03 -9.37
CA TRP C 217 -9.44 -4.68 -8.50
C TRP C 217 -10.05 -4.84 -7.11
N CYS C 218 -10.18 -6.09 -6.66
CA CYS C 218 -10.86 -6.36 -5.40
C CYS C 218 -10.08 -5.79 -4.22
N THR C 219 -10.81 -5.14 -3.31
CA THR C 219 -10.20 -4.55 -2.12
C THR C 219 -10.76 -5.12 -0.83
N THR C 220 -12.08 -5.19 -0.69
CA THR C 220 -12.72 -5.65 0.54
C THR C 220 -13.09 -7.13 0.46
N THR C 221 -13.91 -7.50 -0.50
CA THR C 221 -14.39 -8.88 -0.67
C THR C 221 -13.64 -9.51 -1.83
N CYS C 222 -12.46 -10.07 -1.54
CA CYS C 222 -11.67 -10.76 -2.56
C CYS C 222 -11.96 -12.26 -2.51
N GLN C 223 -12.05 -12.86 -3.70
CA GLN C 223 -12.26 -14.29 -3.83
C GLN C 223 -11.14 -14.89 -4.69
N PHE C 224 -10.93 -16.19 -4.54
CA PHE C 224 -9.91 -16.90 -5.29
C PHE C 224 -10.27 -16.89 -6.77
N GLY C 225 -9.45 -16.21 -7.58
CA GLY C 225 -9.70 -16.05 -9.00
C GLY C 225 -9.86 -14.60 -9.43
N ASP C 226 -10.15 -13.69 -8.51
CA ASP C 226 -10.33 -12.29 -8.84
C ASP C 226 -8.96 -11.60 -8.94
N PRO C 227 -8.87 -10.54 -9.76
CA PRO C 227 -7.63 -9.77 -9.82
C PRO C 227 -7.29 -9.11 -8.49
N GLY C 228 -6.22 -9.56 -7.85
CA GLY C 228 -5.85 -9.09 -6.54
C GLY C 228 -6.28 -9.97 -5.39
N ASP C 229 -6.47 -11.27 -5.63
CA ASP C 229 -6.93 -12.16 -4.57
C ASP C 229 -5.88 -12.31 -3.47
N ILE C 230 -4.71 -12.81 -3.83
CA ILE C 230 -3.62 -13.02 -2.88
C ILE C 230 -2.63 -11.88 -3.05
N MET C 231 -2.47 -11.07 -2.01
CA MET C 231 -1.60 -9.90 -2.04
C MET C 231 -0.54 -10.01 -0.95
N SER C 232 0.69 -9.62 -1.29
CA SER C 232 1.79 -9.56 -0.33
C SER C 232 1.97 -8.12 0.12
N THR C 233 1.09 -7.68 1.01
CA THR C 233 1.18 -6.32 1.53
C THR C 233 2.41 -6.19 2.45
N PRO C 234 2.96 -4.98 2.60
CA PRO C 234 4.11 -4.82 3.51
C PRO C 234 3.77 -5.14 4.96
N VAL C 235 2.51 -4.99 5.37
CA VAL C 235 2.12 -5.37 6.73
C VAL C 235 2.14 -6.89 6.87
N GLY C 236 1.70 -7.60 5.85
CA GLY C 236 1.69 -9.05 5.90
C GLY C 236 0.91 -9.62 4.74
N MET C 237 0.49 -10.88 4.89
CA MET C 237 -0.29 -11.54 3.86
C MET C 237 -1.77 -11.19 3.98
N LYS C 238 -2.42 -11.04 2.83
CA LYS C 238 -3.85 -10.76 2.75
C LYS C 238 -4.49 -11.84 1.89
N CYS C 239 -5.05 -12.86 2.53
CA CYS C 239 -5.63 -14.03 1.86
C CYS C 239 -7.11 -13.82 1.61
N PRO C 240 -7.61 -14.26 0.45
CA PRO C 240 -9.04 -14.13 0.15
C PRO C 240 -9.80 -15.39 0.56
N GLU C 241 -11.13 -15.30 0.43
CA GLU C 241 -11.98 -16.45 0.62
C GLU C 241 -12.15 -17.19 -0.70
N LEU C 242 -12.98 -18.23 -0.70
CA LEU C 242 -13.17 -19.08 -1.87
C LEU C 242 -14.54 -18.84 -2.48
N ASN C 243 -14.64 -19.12 -3.78
CA ASN C 243 -15.90 -19.00 -4.52
C ASN C 243 -16.46 -20.39 -4.73
N GLY C 244 -17.17 -20.88 -3.71
CA GLY C 244 -17.76 -22.19 -3.77
C GLY C 244 -18.20 -22.64 -2.39
N SER C 245 -18.71 -23.88 -2.36
CA SER C 245 -19.21 -24.48 -1.14
C SER C 245 -18.61 -25.88 -0.98
N PHE C 246 -18.64 -26.37 0.26
CA PHE C 246 -18.11 -27.68 0.59
C PHE C 246 -19.22 -28.72 0.65
N ARG C 247 -18.81 -29.99 0.55
CA ARG C 247 -19.74 -31.10 0.65
C ARG C 247 -18.96 -32.35 1.04
N LYS C 248 -19.67 -33.30 1.64
CA LYS C 248 -19.07 -34.53 2.14
C LYS C 248 -19.55 -35.70 1.27
N LYS C 249 -18.66 -36.19 0.40
CA LYS C 249 -18.93 -37.37 -0.39
C LYS C 249 -18.44 -38.59 0.38
N CYS C 250 -19.31 -39.59 0.53
CA CYS C 250 -18.99 -40.77 1.32
C CYS C 250 -19.73 -41.97 0.76
N ALA C 251 -19.15 -43.15 1.01
CA ALA C 251 -19.73 -44.43 0.62
C ALA C 251 -19.86 -45.31 1.85
N PHE C 252 -20.35 -46.53 1.64
CA PHE C 252 -20.56 -47.46 2.73
C PHE C 252 -19.23 -48.08 3.16
N ALA C 253 -18.97 -48.07 4.46
CA ALA C 253 -17.76 -48.67 5.04
C ALA C 253 -16.49 -48.06 4.43
N THR C 254 -16.49 -46.74 4.28
CA THR C 254 -15.33 -46.02 3.77
C THR C 254 -15.18 -44.71 4.54
N THR C 255 -13.95 -44.22 4.61
CA THR C 255 -13.71 -42.93 5.25
C THR C 255 -14.31 -41.82 4.40
N PRO C 256 -15.01 -40.86 5.00
CA PRO C 256 -15.67 -39.82 4.21
C PRO C 256 -14.65 -38.84 3.66
N VAL C 257 -14.57 -38.75 2.32
CA VAL C 257 -13.71 -37.78 1.65
C VAL C 257 -14.47 -36.47 1.53
N CYS C 258 -13.75 -35.39 1.24
CA CYS C 258 -14.33 -34.06 1.16
C CYS C 258 -14.14 -33.51 -0.25
N GLN C 259 -15.23 -33.01 -0.83
CA GLN C 259 -15.23 -32.45 -2.17
C GLN C 259 -15.46 -30.95 -2.11
N PHE C 260 -14.97 -30.25 -3.13
CA PHE C 260 -15.16 -28.81 -3.24
C PHE C 260 -15.45 -28.48 -4.70
N ASP C 261 -16.70 -28.18 -5.00
CA ASP C 261 -17.13 -27.82 -6.36
C ASP C 261 -17.12 -26.30 -6.47
N GLY C 262 -15.96 -25.74 -6.79
CA GLY C 262 -15.81 -24.30 -6.94
C GLY C 262 -14.70 -23.94 -7.91
N ASN C 263 -14.14 -22.74 -7.75
CA ASN C 263 -13.07 -22.28 -8.63
C ASN C 263 -11.73 -22.82 -8.16
N THR C 264 -10.97 -23.41 -9.08
CA THR C 264 -9.66 -23.96 -8.79
C THR C 264 -8.52 -23.11 -9.32
N LEU C 265 -8.68 -22.50 -10.49
CA LEU C 265 -7.62 -21.65 -11.04
C LEU C 265 -7.50 -20.36 -10.23
N SER C 266 -6.26 -19.90 -10.07
CA SER C 266 -5.99 -18.70 -9.30
C SER C 266 -6.30 -17.45 -10.12
N GLY C 267 -6.16 -16.29 -9.47
CA GLY C 267 -6.43 -15.04 -10.16
C GLY C 267 -5.44 -14.77 -11.27
N TYR C 268 -4.17 -15.13 -11.06
CA TYR C 268 -3.15 -14.93 -12.09
C TYR C 268 -3.38 -15.86 -13.27
N LYS C 269 -3.84 -17.08 -13.02
CA LYS C 269 -4.10 -18.02 -14.10
C LYS C 269 -5.21 -17.53 -15.01
N ARG C 270 -6.31 -17.06 -14.42
CA ARG C 270 -7.42 -16.53 -15.22
C ARG C 270 -6.99 -15.26 -15.94
N MET C 271 -6.16 -14.43 -15.30
CA MET C 271 -5.68 -13.23 -15.96
C MET C 271 -4.82 -13.57 -17.18
N ILE C 272 -3.98 -14.60 -17.06
CA ILE C 272 -3.20 -15.04 -18.21
C ILE C 272 -4.12 -15.63 -19.27
N ALA C 273 -5.19 -16.31 -18.85
CA ALA C 273 -6.11 -16.91 -19.81
C ALA C 273 -6.82 -15.85 -20.65
N THR C 274 -7.33 -14.81 -20.00
CA THR C 274 -8.08 -13.75 -20.69
C THR C 274 -7.32 -12.41 -20.65
N LYS C 275 -6.00 -12.46 -20.83
CA LYS C 275 -5.19 -11.24 -20.81
C LYS C 275 -5.59 -10.27 -21.91
N ASP C 276 -6.06 -10.77 -23.05
CA ASP C 276 -6.42 -9.90 -24.17
C ASP C 276 -7.63 -9.02 -23.86
N SER C 277 -8.38 -9.30 -22.80
CA SER C 277 -9.57 -8.54 -22.45
C SER C 277 -9.29 -7.38 -21.52
N PHE C 278 -8.02 -7.04 -21.29
CA PHE C 278 -7.66 -5.97 -20.39
C PHE C 278 -6.92 -4.87 -21.16
N GLN C 279 -6.94 -3.67 -20.60
CA GLN C 279 -6.29 -2.52 -21.22
C GLN C 279 -4.79 -2.56 -20.95
N SER C 280 -4.00 -2.35 -22.00
CA SER C 280 -2.54 -2.32 -21.90
C SER C 280 -2.03 -0.90 -22.10
N PHE C 281 -0.84 -0.65 -21.58
CA PHE C 281 -0.21 0.66 -21.71
C PHE C 281 1.30 0.51 -21.61
N ASN C 282 2.01 1.46 -22.21
CA ASN C 282 3.46 1.51 -22.19
C ASN C 282 3.93 2.74 -21.43
N VAL C 283 5.19 2.70 -20.99
CA VAL C 283 5.82 3.83 -20.32
C VAL C 283 7.20 4.07 -20.94
N THR C 284 7.63 5.32 -20.86
CA THR C 284 8.98 5.71 -21.30
C THR C 284 9.56 6.68 -20.30
N GLU C 285 10.84 6.50 -19.99
CA GLU C 285 11.56 7.30 -19.00
C GLU C 285 10.79 7.30 -17.68
N PRO C 286 10.73 6.17 -16.97
CA PRO C 286 9.95 6.12 -15.73
C PRO C 286 10.74 6.57 -14.52
N HIS C 287 10.03 7.17 -13.58
CA HIS C 287 10.59 7.60 -12.31
C HIS C 287 9.56 7.34 -11.23
N ILE C 288 9.81 6.37 -10.36
CA ILE C 288 8.88 5.98 -9.31
C ILE C 288 9.50 6.28 -7.96
N SER C 289 8.69 6.85 -7.06
CA SER C 289 9.15 7.12 -5.70
C SER C 289 8.19 6.51 -4.70
N ALA C 290 8.35 6.84 -3.41
CA ALA C 290 7.44 6.30 -2.41
C ALA C 290 6.06 6.92 -2.48
N SER C 291 5.86 7.95 -3.32
CA SER C 291 4.57 8.62 -3.40
C SER C 291 4.07 8.90 -4.81
N SER C 292 4.92 8.79 -5.84
CA SER C 292 4.53 9.21 -7.18
C SER C 292 5.05 8.23 -8.21
N LEU C 293 4.61 8.42 -9.45
CA LEU C 293 5.04 7.60 -10.58
C LEU C 293 4.99 8.48 -11.83
N GLU C 294 6.15 8.94 -12.27
CA GLU C 294 6.25 9.83 -13.42
C GLU C 294 6.74 9.06 -14.64
N TRP C 295 6.08 9.27 -15.78
CA TRP C 295 6.47 8.63 -17.02
C TRP C 295 5.86 9.39 -18.19
N ILE C 296 6.41 9.14 -19.38
CA ILE C 296 5.91 9.72 -20.63
C ILE C 296 5.24 8.62 -21.43
N ASP C 297 4.00 8.85 -21.84
CA ASP C 297 3.23 7.85 -22.57
C ASP C 297 3.60 7.87 -24.05
N PRO C 298 4.23 6.80 -24.56
CA PRO C 298 4.62 6.79 -25.97
C PRO C 298 3.51 6.39 -26.93
N ASP C 299 2.40 5.85 -26.42
CA ASP C 299 1.31 5.38 -27.27
C ASP C 299 0.52 6.52 -27.91
N SER C 300 0.78 7.77 -27.52
CA SER C 300 0.08 8.94 -28.06
C SER C 300 -1.43 8.82 -27.86
N SER C 301 -1.82 8.45 -26.64
CA SER C 301 -3.22 8.26 -26.29
C SER C 301 -3.74 9.36 -25.37
N LEU C 302 -3.02 10.48 -25.26
CA LEU C 302 -3.46 11.62 -24.48
C LEU C 302 -3.29 12.89 -25.29
N ARG C 303 -4.20 13.83 -25.10
CA ARG C 303 -4.20 15.08 -25.84
C ARG C 303 -4.28 16.25 -24.86
N ASP C 304 -3.40 17.23 -25.04
CA ASP C 304 -3.37 18.43 -24.22
C ASP C 304 -3.84 19.64 -25.03
N HIS C 305 -4.69 20.45 -24.43
CA HIS C 305 -5.25 21.64 -25.07
C HIS C 305 -4.47 22.86 -24.60
N ILE C 306 -3.75 23.50 -25.51
CA ILE C 306 -2.90 24.65 -25.21
C ILE C 306 -3.43 25.85 -25.97
N ASN C 307 -3.56 26.98 -25.27
CA ASN C 307 -4.00 28.24 -25.86
C ASN C 307 -2.85 29.23 -25.84
N VAL C 308 -2.50 29.75 -27.02
CA VAL C 308 -1.43 30.73 -27.17
C VAL C 308 -2.03 32.00 -27.75
N ILE C 309 -1.60 33.14 -27.24
CA ILE C 309 -2.09 34.44 -27.69
C ILE C 309 -0.94 35.44 -27.65
N VAL C 310 -0.77 36.19 -28.74
CA VAL C 310 0.26 37.21 -28.85
C VAL C 310 -0.42 38.53 -29.19
N GLY C 311 -0.26 39.52 -28.32
CA GLY C 311 -0.87 40.81 -28.56
C GLY C 311 -0.21 41.57 -29.68
N ARG C 312 -0.98 42.50 -30.27
CA ARG C 312 -0.49 43.30 -31.38
C ARG C 312 0.26 44.55 -30.93
N ASP C 313 0.43 44.74 -29.62
CA ASP C 313 1.27 45.82 -29.10
C ASP C 313 2.70 45.33 -28.89
N LEU C 314 3.30 44.77 -29.94
CA LEU C 314 4.61 44.14 -29.82
C LEU C 314 5.73 45.14 -29.67
N SER C 315 5.51 46.40 -30.03
CA SER C 315 6.55 47.44 -30.00
C SER C 315 7.74 47.02 -30.86
N PHE C 316 7.47 46.93 -32.16
CA PHE C 316 8.47 46.47 -33.13
C PHE C 316 9.77 47.27 -33.08
N GLN C 317 9.76 48.45 -32.46
CA GLN C 317 10.99 49.23 -32.36
C GLN C 317 11.95 48.63 -31.33
N ASP C 318 11.43 48.20 -30.18
CA ASP C 318 12.28 47.66 -29.13
C ASP C 318 12.85 46.30 -29.50
N LEU C 319 12.08 45.48 -30.23
CA LEU C 319 12.51 44.15 -30.62
C LEU C 319 13.29 44.14 -31.92
N SER C 320 13.68 45.30 -32.43
CA SER C 320 14.43 45.41 -33.68
C SER C 320 15.89 45.81 -33.49
N GLU C 321 16.22 46.55 -32.43
CA GLU C 321 17.59 46.95 -32.20
C GLU C 321 18.45 45.75 -31.86
N THR C 322 19.55 45.59 -32.60
CA THR C 322 20.52 44.50 -32.44
C THR C 322 19.83 43.14 -32.48
N PRO C 323 19.36 42.69 -33.65
CA PRO C 323 18.76 41.36 -33.75
C PRO C 323 19.84 40.28 -33.73
N CYS C 324 19.40 39.03 -33.81
CA CYS C 324 20.30 37.88 -33.74
C CYS C 324 20.72 37.49 -35.15
N GLN C 325 22.00 37.68 -35.45
CA GLN C 325 22.57 37.28 -36.73
C GLN C 325 22.97 35.83 -36.71
N VAL C 326 22.68 35.11 -37.79
CA VAL C 326 22.92 33.67 -37.89
C VAL C 326 23.54 33.39 -39.25
N ASP C 327 24.75 32.80 -39.23
CA ASP C 327 25.42 32.33 -40.44
C ASP C 327 25.60 30.82 -40.34
N LEU C 328 25.61 30.16 -41.50
CA LEU C 328 25.68 28.70 -41.53
C LEU C 328 26.42 28.25 -42.77
N ALA C 329 26.90 27.01 -42.73
CA ALA C 329 27.64 26.43 -43.84
C ALA C 329 27.54 24.91 -43.75
N THR C 330 27.23 24.28 -44.89
CA THR C 330 27.16 22.82 -44.95
C THR C 330 28.57 22.24 -44.99
N THR C 331 28.84 21.28 -44.11
CA THR C 331 30.18 20.72 -43.97
C THR C 331 30.27 19.22 -44.18
N SER C 332 29.16 18.48 -44.11
CA SER C 332 29.21 17.04 -44.23
C SER C 332 27.85 16.49 -44.63
N ILE C 333 27.86 15.35 -45.30
CA ILE C 333 26.65 14.65 -45.70
C ILE C 333 26.91 13.14 -45.61
N ASP C 334 25.84 12.40 -45.34
CA ASP C 334 25.95 10.95 -45.19
C ASP C 334 24.56 10.34 -45.39
N GLY C 335 24.43 9.48 -46.40
CA GLY C 335 23.19 8.80 -46.66
C GLY C 335 22.89 8.75 -48.14
N ALA C 336 21.62 8.58 -48.47
CA ALA C 336 21.16 8.48 -49.84
C ALA C 336 19.95 9.37 -50.04
N TRP C 337 19.69 9.72 -51.30
CA TRP C 337 18.55 10.54 -51.66
C TRP C 337 17.30 9.72 -51.98
N GLY C 338 17.34 8.42 -51.73
CA GLY C 338 16.17 7.59 -51.97
C GLY C 338 15.10 7.78 -50.91
N SER C 339 13.85 7.62 -51.33
CA SER C 339 12.70 7.77 -50.44
C SER C 339 12.60 6.51 -49.58
N GLY C 340 13.28 6.55 -48.43
CA GLY C 340 13.27 5.41 -47.53
C GLY C 340 14.61 5.15 -46.88
N VAL C 341 15.69 5.60 -47.52
CA VAL C 341 17.03 5.39 -46.97
C VAL C 341 17.37 6.49 -45.97
N GLY C 342 17.25 7.74 -46.39
CA GLY C 342 17.53 8.86 -45.52
C GLY C 342 18.98 9.32 -45.59
N PHE C 343 19.19 10.58 -45.23
CA PHE C 343 20.51 11.18 -45.21
C PHE C 343 20.66 12.09 -44.00
N ASN C 344 21.90 12.29 -43.57
CA ASN C 344 22.21 13.10 -42.40
C ASN C 344 23.13 14.24 -42.84
N LEU C 345 22.72 15.46 -42.54
CA LEU C 345 23.46 16.66 -42.93
C LEU C 345 24.01 17.36 -41.69
N VAL C 346 25.24 17.86 -41.79
CA VAL C 346 25.92 18.54 -40.71
C VAL C 346 26.10 20.00 -41.09
N CYS C 347 25.66 20.90 -40.20
CA CYS C 347 25.74 22.33 -40.42
C CYS C 347 26.58 22.98 -39.32
N SER C 348 27.36 24.00 -39.69
CA SER C 348 28.16 24.77 -38.74
C SER C 348 27.51 26.14 -38.62
N VAL C 349 26.61 26.28 -37.66
CA VAL C 349 25.84 27.50 -37.48
C VAL C 349 26.58 28.43 -36.53
N SER C 350 26.78 29.68 -36.96
CA SER C 350 27.50 30.68 -36.18
C SER C 350 26.50 31.78 -35.77
N LEU C 351 26.26 31.89 -34.47
CA LEU C 351 25.34 32.88 -33.92
C LEU C 351 26.14 34.05 -33.36
N THR C 352 25.77 35.27 -33.77
CA THR C 352 26.45 36.48 -33.34
C THR C 352 25.44 37.52 -32.89
N GLU C 353 25.92 38.47 -32.09
CA GLU C 353 25.16 39.60 -31.56
C GLU C 353 24.00 39.17 -30.66
N CYS C 354 24.00 37.91 -30.21
CA CYS C 354 23.00 37.42 -29.26
C CYS C 354 23.64 36.33 -28.41
N SER C 355 23.33 36.34 -27.12
CA SER C 355 23.86 35.32 -26.22
C SER C 355 23.24 33.96 -26.52
N THR C 356 21.91 33.88 -26.50
CA THR C 356 21.17 32.67 -26.84
C THR C 356 20.05 33.02 -27.81
N PHE C 357 19.81 32.15 -28.78
CA PHE C 357 18.78 32.38 -29.77
C PHE C 357 18.18 31.05 -30.17
N LEU C 358 16.86 30.94 -30.06
CA LEU C 358 16.13 29.71 -30.37
C LEU C 358 15.57 29.82 -31.78
N THR C 359 16.01 28.93 -32.66
CA THR C 359 15.56 28.89 -34.04
C THR C 359 15.62 27.44 -34.51
N SER C 360 15.53 27.23 -35.82
CA SER C 360 15.61 25.89 -36.39
C SER C 360 16.25 25.97 -37.77
N ILE C 361 17.06 24.97 -38.09
CA ILE C 361 17.75 24.88 -39.37
C ILE C 361 17.09 23.79 -40.19
N LYS C 362 17.01 24.00 -41.50
CA LYS C 362 16.40 23.06 -42.43
C LYS C 362 17.41 22.64 -43.49
N ALA C 363 17.29 21.39 -43.93
CA ALA C 363 18.12 20.86 -45.01
C ALA C 363 17.30 20.97 -46.30
N CYS C 364 17.58 21.99 -47.07
CA CYS C 364 16.83 22.29 -48.28
C CYS C 364 17.68 22.10 -49.52
N ASP C 365 17.01 22.08 -50.66
CA ASP C 365 17.65 22.05 -51.97
C ASP C 365 17.10 23.20 -52.81
N SER C 366 17.36 23.17 -54.11
CA SER C 366 16.88 24.22 -55.00
C SER C 366 15.36 24.40 -54.92
N ALA C 367 14.63 23.35 -54.57
CA ALA C 367 13.17 23.40 -54.59
C ALA C 367 12.53 23.22 -53.22
N MET C 368 12.84 22.14 -52.50
CA MET C 368 12.10 21.75 -51.31
C MET C 368 13.00 21.77 -50.08
N CYS C 369 12.44 21.31 -48.96
CA CYS C 369 13.17 21.14 -47.70
C CYS C 369 12.74 19.81 -47.10
N TYR C 370 13.67 18.85 -47.04
CA TYR C 370 13.35 17.48 -46.67
C TYR C 370 13.63 17.17 -45.21
N GLY C 371 13.90 18.18 -44.39
CA GLY C 371 14.16 17.94 -42.98
C GLY C 371 14.36 19.24 -42.24
N SER C 372 14.29 19.14 -40.92
CA SER C 372 14.47 20.30 -40.06
C SER C 372 15.04 19.83 -38.72
N THR C 373 15.58 20.80 -37.98
CA THR C 373 16.16 20.51 -36.66
C THR C 373 16.12 21.79 -35.83
N THR C 374 15.42 21.75 -34.71
CA THR C 374 15.31 22.89 -33.82
C THR C 374 16.43 22.84 -32.78
N ALA C 375 17.11 23.95 -32.57
CA ALA C 375 18.21 24.02 -31.62
C ALA C 375 18.29 25.41 -31.02
N ASN C 376 18.67 25.48 -29.75
CA ASN C 376 18.88 26.74 -29.04
C ASN C 376 20.36 27.09 -29.16
N LEU C 377 20.69 27.97 -30.10
CA LEU C 377 22.07 28.28 -30.40
C LEU C 377 22.69 29.19 -29.35
N LEU C 378 23.98 28.99 -29.12
CA LEU C 378 24.77 29.85 -28.25
C LEU C 378 25.63 30.78 -29.10
N ARG C 379 26.14 31.83 -28.45
CA ARG C 379 26.99 32.80 -29.12
C ARG C 379 28.30 32.12 -29.52
N GLY C 380 28.45 31.87 -30.82
CA GLY C 380 29.64 31.25 -31.37
C GLY C 380 29.27 30.17 -32.36
N GLN C 381 30.16 29.20 -32.50
CA GLN C 381 29.96 28.11 -33.44
C GLN C 381 29.07 27.04 -32.83
N ASN C 382 28.19 26.47 -33.65
CA ASN C 382 27.27 25.44 -33.23
C ASN C 382 27.17 24.37 -34.30
N THR C 383 27.39 23.11 -33.93
CA THR C 383 27.25 21.99 -34.83
C THR C 383 25.83 21.44 -34.74
N VAL C 384 25.14 21.39 -35.87
CA VAL C 384 23.73 20.98 -35.91
C VAL C 384 23.59 19.85 -36.91
N HIS C 385 22.98 18.75 -36.49
CA HIS C 385 22.67 17.62 -37.35
C HIS C 385 21.22 17.71 -37.81
N ILE C 386 20.99 17.41 -39.09
CA ILE C 386 19.65 17.44 -39.67
C ILE C 386 19.43 16.13 -40.42
N VAL C 387 18.35 15.43 -40.09
CA VAL C 387 17.95 14.21 -40.78
C VAL C 387 16.95 14.56 -41.86
N GLY C 388 17.05 13.87 -42.99
CA GLY C 388 16.16 14.13 -44.11
C GLY C 388 15.90 12.88 -44.90
N LYS C 389 14.75 12.85 -45.57
CA LYS C 389 14.37 11.72 -46.41
C LYS C 389 13.77 12.25 -47.70
N GLY C 390 14.27 11.78 -48.83
CA GLY C 390 13.80 12.23 -50.12
C GLY C 390 14.90 12.81 -50.98
N GLY C 391 14.52 13.55 -52.02
CA GLY C 391 15.47 14.15 -52.93
C GLY C 391 15.59 13.37 -54.24
N HIS C 392 16.32 13.97 -55.16
CA HIS C 392 16.54 13.41 -56.49
C HIS C 392 18.03 13.13 -56.71
N SER C 393 18.37 12.75 -57.94
CA SER C 393 19.76 12.40 -58.24
C SER C 393 20.66 13.63 -58.19
N GLY C 394 20.23 14.72 -58.81
CA GLY C 394 21.04 15.94 -58.84
C GLY C 394 20.71 16.90 -57.73
N SER C 395 20.14 16.41 -56.64
CA SER C 395 19.76 17.26 -55.51
C SER C 395 21.01 17.65 -54.72
N LYS C 396 21.32 18.94 -54.69
CA LYS C 396 22.46 19.46 -53.94
C LYS C 396 21.92 20.03 -52.63
N PHE C 397 21.94 19.21 -51.59
CA PHE C 397 21.36 19.59 -50.31
C PHE C 397 22.23 20.63 -49.60
N MET C 398 21.57 21.64 -49.03
CA MET C 398 22.25 22.71 -48.33
C MET C 398 21.57 22.97 -46.99
N CYS C 399 22.32 23.58 -46.08
CA CYS C 399 21.76 24.06 -44.83
C CYS C 399 21.09 25.41 -45.06
N CYS C 400 19.96 25.65 -44.39
CA CYS C 400 19.20 26.87 -44.60
C CYS C 400 18.59 27.36 -43.31
N HIS C 401 18.73 28.67 -43.06
CA HIS C 401 17.95 29.38 -42.07
C HIS C 401 16.65 29.84 -42.74
N ASP C 402 15.94 30.79 -42.12
CA ASP C 402 14.72 31.36 -42.70
C ASP C 402 14.87 31.62 -44.19
N THR C 403 15.79 32.51 -44.56
CA THR C 403 16.02 32.85 -45.95
C THR C 403 17.44 32.52 -46.41
N LYS C 404 18.45 32.91 -45.64
CA LYS C 404 19.83 32.70 -46.04
C LYS C 404 20.19 31.21 -45.94
N CYS C 405 20.94 30.73 -46.93
CA CYS C 405 21.42 29.36 -46.97
C CYS C 405 22.94 29.37 -47.12
N SER C 406 23.53 28.19 -47.09
CA SER C 406 24.97 28.07 -47.23
C SER C 406 25.40 28.41 -48.65
N SER C 407 26.71 28.59 -48.83
CA SER C 407 27.24 28.95 -50.14
C SER C 407 27.27 27.75 -51.08
N THR C 408 27.54 26.56 -50.56
CA THR C 408 27.62 25.36 -51.35
C THR C 408 26.78 24.25 -50.71
N GLY C 409 26.68 23.13 -51.41
CA GLY C 409 25.92 21.99 -50.93
C GLY C 409 26.60 20.69 -51.30
N LEU C 410 25.96 19.59 -50.91
CA LEU C 410 26.49 18.26 -51.14
C LEU C 410 25.38 17.36 -51.70
N VAL C 411 25.80 16.32 -52.42
CA VAL C 411 24.88 15.40 -53.10
C VAL C 411 25.13 13.99 -52.57
N ALA C 412 24.06 13.21 -52.46
CA ALA C 412 24.12 11.83 -52.05
C ALA C 412 24.07 10.92 -53.29
N ALA C 413 24.00 9.61 -53.05
CA ALA C 413 23.98 8.64 -54.13
C ALA C 413 23.07 7.48 -53.75
N ALA C 414 22.44 6.88 -54.75
CA ALA C 414 21.54 5.74 -54.59
C ALA C 414 20.42 6.04 -53.59
N ASP C 427 6.91 9.05 -36.78
CA ASP C 427 8.29 9.10 -37.24
C ASP C 427 9.06 10.20 -36.53
N SER C 428 10.00 9.79 -35.66
CA SER C 428 10.84 10.66 -34.84
C SER C 428 10.04 11.42 -33.79
N ASP C 429 8.71 11.28 -33.77
CA ASP C 429 7.84 11.91 -32.78
C ASP C 429 8.11 13.42 -32.67
N LYS C 430 8.25 14.07 -33.81
CA LYS C 430 8.37 15.52 -33.85
C LYS C 430 7.40 16.08 -34.89
N ILE C 431 6.91 17.29 -34.63
CA ILE C 431 5.97 17.96 -35.52
C ILE C 431 6.53 19.34 -35.84
N PHE C 432 6.67 19.63 -37.13
CA PHE C 432 7.24 20.89 -37.59
C PHE C 432 6.18 21.69 -38.32
N ASP C 433 6.01 22.95 -37.93
CA ASP C 433 5.04 23.85 -38.55
C ASP C 433 5.67 25.23 -38.63
N ASP C 434 6.24 25.57 -39.80
CA ASP C 434 6.83 26.87 -40.04
C ASP C 434 6.05 27.70 -41.03
N GLY C 435 4.95 27.18 -41.56
CA GLY C 435 4.13 27.92 -42.50
C GLY C 435 4.74 28.12 -43.87
N ALA C 436 5.80 27.39 -44.20
CA ALA C 436 6.44 27.57 -45.49
C ALA C 436 5.56 26.96 -46.60
N PRO C 437 5.43 27.65 -47.73
CA PRO C 437 4.64 27.10 -48.85
C PRO C 437 5.39 25.94 -49.51
N GLU C 438 4.81 24.76 -49.42
CA GLU C 438 5.42 23.57 -50.00
C GLU C 438 5.32 23.59 -51.52
N CYS C 439 6.24 22.90 -52.17
CA CYS C 439 6.24 22.80 -53.62
C CYS C 439 5.05 21.99 -54.10
N GLY C 440 4.52 22.38 -55.27
CA GLY C 440 3.35 21.71 -55.82
C GLY C 440 3.66 20.41 -56.50
N ILE C 441 3.00 20.15 -57.63
CA ILE C 441 3.21 18.91 -58.36
C ILE C 441 4.54 18.92 -59.13
N SER C 442 5.17 20.08 -59.31
CA SER C 442 6.40 20.17 -60.07
C SER C 442 7.56 19.43 -59.43
N CYS C 443 7.45 19.10 -58.14
CA CYS C 443 8.50 18.39 -57.42
C CYS C 443 8.18 16.92 -57.19
N TRP C 444 7.12 16.41 -57.81
CA TRP C 444 6.68 15.03 -57.61
C TRP C 444 7.15 14.18 -58.78
N PHE C 445 7.93 13.14 -58.48
CA PHE C 445 8.41 12.18 -59.48
C PHE C 445 9.17 12.88 -60.61
N THR C 446 10.29 13.49 -60.23
CA THR C 446 11.13 14.18 -61.20
C THR C 446 12.57 13.69 -61.10
N THR D 2 7.24 -47.02 -16.79
CA THR D 2 8.47 -46.17 -16.73
C THR D 2 8.15 -44.74 -16.25
N GLY D 3 8.71 -44.34 -15.11
CA GLY D 3 8.64 -42.94 -14.65
C GLY D 3 9.61 -42.07 -15.44
N GLU D 4 9.49 -40.75 -15.29
CA GLU D 4 10.37 -39.80 -15.98
C GLU D 4 11.05 -38.82 -15.00
N LEU D 5 12.37 -38.86 -14.97
CA LEU D 5 13.14 -37.92 -14.18
C LEU D 5 13.84 -36.96 -15.14
N LYS D 6 13.36 -35.72 -15.16
CA LYS D 6 13.82 -34.73 -16.08
C LYS D 6 14.95 -33.90 -15.46
N ILE D 7 16.02 -33.73 -16.21
CA ILE D 7 17.11 -32.85 -15.83
C ILE D 7 17.13 -31.73 -16.86
N GLU D 8 17.04 -30.50 -16.37
CA GLU D 8 17.18 -29.33 -17.18
C GLU D 8 18.66 -28.94 -17.22
N CYS D 9 19.25 -29.01 -18.41
CA CYS D 9 20.67 -28.71 -18.64
C CYS D 9 20.93 -27.25 -19.04
N PRO D 10 21.82 -26.55 -18.34
CA PRO D 10 22.20 -25.19 -18.82
C PRO D 10 23.03 -25.20 -20.10
N HIS D 11 23.17 -24.05 -20.77
CA HIS D 11 24.02 -23.93 -21.99
C HIS D 11 25.51 -24.05 -21.70
N THR D 12 25.97 -23.50 -20.58
CA THR D 12 27.38 -23.59 -20.15
C THR D 12 27.53 -24.17 -18.74
N ILE D 13 28.75 -24.61 -18.43
CA ILE D 13 29.09 -25.04 -17.07
C ILE D 13 29.30 -23.81 -16.18
N GLY D 14 29.98 -22.79 -16.72
CA GLY D 14 30.21 -21.53 -16.00
C GLY D 14 31.24 -21.68 -14.90
N LEU D 15 30.88 -21.24 -13.70
CA LEU D 15 31.84 -21.09 -12.58
C LEU D 15 32.24 -22.42 -11.88
N GLY D 16 31.81 -23.57 -12.42
CA GLY D 16 32.35 -24.87 -12.01
C GLY D 16 31.64 -25.62 -10.89
N GLN D 17 31.05 -24.90 -9.93
CA GLN D 17 30.60 -25.51 -8.64
C GLN D 17 29.06 -25.88 -8.56
N GLY D 18 28.35 -25.71 -9.68
CA GLY D 18 26.92 -25.97 -9.74
C GLY D 18 26.62 -27.45 -9.90
N LEU D 19 25.44 -27.84 -9.46
CA LEU D 19 24.97 -29.21 -9.65
C LEU D 19 23.63 -29.16 -10.35
N VAL D 20 23.31 -30.18 -11.13
CA VAL D 20 21.95 -30.39 -11.61
C VAL D 20 21.22 -31.27 -10.60
N ILE D 21 19.90 -31.09 -10.51
CA ILE D 21 19.04 -31.91 -9.67
C ILE D 21 17.75 -32.19 -10.38
N GLY D 22 17.24 -33.40 -10.22
CA GLY D 22 15.89 -33.74 -10.63
C GLY D 22 15.26 -34.74 -9.66
N SER D 23 13.95 -34.94 -9.75
CA SER D 23 13.29 -35.87 -8.84
C SER D 23 11.99 -36.33 -9.41
N VAL D 24 11.58 -37.54 -9.06
CA VAL D 24 10.29 -38.04 -9.50
C VAL D 24 9.65 -38.91 -8.39
N GLU D 25 8.34 -38.77 -8.18
CA GLU D 25 7.60 -39.63 -7.27
C GLU D 25 7.00 -40.80 -8.05
N LEU D 26 7.33 -42.01 -7.63
CA LEU D 26 6.86 -43.23 -8.28
C LEU D 26 5.53 -43.73 -7.74
N PRO D 27 4.91 -44.72 -8.41
CA PRO D 27 3.67 -45.29 -7.90
C PRO D 27 3.84 -46.09 -6.58
N PRO D 28 2.72 -46.35 -5.89
CA PRO D 28 2.74 -47.06 -4.60
C PRO D 28 3.25 -48.49 -4.70
N VAL D 29 4.07 -48.91 -3.75
CA VAL D 29 4.53 -50.27 -3.58
C VAL D 29 4.03 -50.70 -2.19
N PRO D 30 3.74 -52.00 -1.98
CA PRO D 30 3.38 -52.49 -0.63
C PRO D 30 4.52 -52.31 0.38
N LEU D 31 4.20 -52.18 1.67
CA LEU D 31 5.24 -51.93 2.69
C LEU D 31 6.29 -53.01 2.79
N THR D 32 5.87 -54.26 2.69
CA THR D 32 6.77 -55.41 2.78
C THR D 32 7.89 -55.36 1.76
N GLN D 33 7.63 -54.75 0.60
CA GLN D 33 8.64 -54.55 -0.42
C GLN D 33 9.62 -53.42 -0.21
N VAL D 34 9.34 -52.52 0.72
CA VAL D 34 10.14 -51.31 0.93
C VAL D 34 11.52 -51.64 1.47
N GLU D 35 11.58 -52.59 2.38
CA GLU D 35 12.85 -53.03 2.98
C GLU D 35 13.82 -53.68 1.94
N SER D 36 13.27 -54.20 0.84
CA SER D 36 14.07 -54.77 -0.26
C SER D 36 14.53 -53.80 -1.35
N LEU D 37 14.03 -52.56 -1.34
CA LEU D 37 14.27 -51.65 -2.45
C LEU D 37 15.74 -51.25 -2.60
N LYS D 38 16.29 -51.45 -3.80
CA LYS D 38 17.67 -51.10 -4.15
C LYS D 38 17.63 -50.24 -5.41
N LEU D 39 18.34 -49.11 -5.43
CA LEU D 39 18.52 -48.34 -6.65
C LEU D 39 19.56 -48.99 -7.53
N GLU D 40 19.21 -49.28 -8.78
CA GLU D 40 20.16 -49.75 -9.78
C GLU D 40 20.33 -48.62 -10.78
N SER D 41 21.50 -48.54 -11.39
CA SER D 41 21.76 -47.53 -12.42
C SER D 41 22.48 -48.14 -13.61
N SER D 42 22.03 -47.78 -14.81
CA SER D 42 22.76 -48.04 -16.03
C SER D 42 23.44 -46.76 -16.55
N CYS D 43 23.45 -45.69 -15.77
CA CYS D 43 23.90 -44.39 -16.26
C CYS D 43 25.42 -44.29 -16.23
N ASN D 44 25.96 -43.47 -17.14
CA ASN D 44 27.42 -43.26 -17.26
C ASN D 44 27.86 -42.11 -16.35
N PHE D 45 27.68 -42.34 -15.05
CA PHE D 45 28.15 -41.41 -14.04
C PHE D 45 28.68 -42.15 -12.81
N ASP D 46 29.36 -41.41 -11.93
CA ASP D 46 30.07 -41.97 -10.79
C ASP D 46 29.23 -41.88 -9.49
N LEU D 47 28.44 -42.92 -9.26
CA LEU D 47 27.56 -43.01 -8.09
C LEU D 47 28.33 -42.97 -6.78
N HIS D 48 27.93 -42.06 -5.89
CA HIS D 48 28.40 -42.08 -4.51
C HIS D 48 27.75 -43.26 -3.77
N THR D 49 28.54 -44.04 -3.05
CA THR D 49 28.09 -45.32 -2.46
C THR D 49 27.42 -45.19 -1.09
N SER D 50 27.62 -44.04 -0.45
CA SER D 50 27.04 -43.72 0.87
C SER D 50 25.58 -44.15 1.11
N THR D 51 24.68 -43.75 0.21
CA THR D 51 23.24 -43.89 0.44
C THR D 51 22.72 -45.34 0.37
N SER D 52 23.40 -46.19 -0.40
CA SER D 52 23.04 -47.62 -0.52
C SER D 52 23.48 -48.54 0.67
N SER D 53 24.24 -48.01 1.63
CA SER D 53 24.56 -48.75 2.87
C SER D 53 23.32 -48.85 3.81
N GLN D 54 23.42 -49.75 4.79
CA GLN D 54 22.34 -50.00 5.76
C GLN D 54 22.27 -48.89 6.76
N GLN D 55 21.05 -48.46 7.07
CA GLN D 55 20.84 -47.27 7.90
C GLN D 55 19.71 -47.53 8.91
N PRO D 56 20.02 -47.43 10.21
CA PRO D 56 19.04 -47.81 11.23
C PRO D 56 17.93 -46.77 11.47
N PHE D 57 16.69 -47.24 11.37
CA PHE D 57 15.47 -46.47 11.55
C PHE D 57 14.60 -47.14 12.59
N THR D 58 13.85 -46.31 13.32
CA THR D 58 12.78 -46.80 14.13
C THR D 58 11.54 -46.77 13.27
N LYS D 59 10.93 -47.92 13.05
CA LYS D 59 9.64 -47.98 12.36
C LYS D 59 8.49 -47.83 13.34
N TRP D 60 7.62 -46.85 13.11
CA TRP D 60 6.53 -46.51 13.98
C TRP D 60 5.25 -46.59 13.17
N THR D 61 4.31 -47.44 13.62
CA THR D 61 3.10 -47.79 12.85
C THR D 61 1.85 -47.72 13.76
N TRP D 62 0.67 -47.57 13.17
CA TRP D 62 -0.57 -47.57 13.94
C TRP D 62 -1.57 -48.58 13.42
N GLU D 63 -2.43 -49.10 14.32
CA GLU D 63 -3.54 -49.99 13.99
C GLU D 63 -4.79 -49.52 14.72
N MET D 64 -5.95 -49.69 14.10
CA MET D 64 -7.19 -49.49 14.82
C MET D 64 -7.36 -50.53 15.95
N LYS D 65 -7.90 -50.07 17.07
CA LYS D 65 -8.19 -50.87 18.24
C LYS D 65 -9.53 -50.46 18.83
N SER D 66 -10.17 -51.36 19.59
CA SER D 66 -11.33 -51.02 20.42
C SER D 66 -11.45 -51.97 21.60
N THR D 77 -6.48 -44.17 22.58
CA THR D 77 -7.93 -44.03 22.47
C THR D 77 -8.51 -45.18 21.63
N SER D 78 -8.65 -44.96 20.32
CA SER D 78 -8.98 -45.99 19.39
C SER D 78 -7.74 -46.48 18.61
N PHE D 79 -6.52 -46.23 19.08
CA PHE D 79 -5.31 -46.58 18.33
C PHE D 79 -4.41 -47.44 19.17
N GLN D 80 -3.75 -48.36 18.50
CA GLN D 80 -2.63 -49.02 19.04
C GLN D 80 -1.47 -48.65 18.13
N THR D 81 -0.42 -48.09 18.71
CA THR D 81 0.82 -47.88 17.98
C THR D 81 1.87 -48.85 18.44
N LYS D 82 2.87 -49.09 17.61
CA LYS D 82 4.02 -49.84 18.05
C LYS D 82 5.26 -49.41 17.28
N SER D 83 6.43 -49.81 17.77
CA SER D 83 7.67 -49.50 17.10
C SER D 83 8.75 -50.56 17.25
N SER D 84 9.69 -50.56 16.31
CA SER D 84 10.87 -51.42 16.34
C SER D 84 12.00 -50.81 15.51
N GLU D 85 13.22 -51.30 15.75
CA GLU D 85 14.41 -50.84 15.02
C GLU D 85 14.68 -51.75 13.85
N ILE D 86 14.82 -51.17 12.67
CA ILE D 86 15.09 -51.90 11.43
C ILE D 86 16.13 -51.15 10.65
N ASN D 87 16.68 -51.80 9.65
CA ASN D 87 17.68 -51.21 8.77
C ASN D 87 17.04 -51.00 7.42
N LEU D 88 17.16 -49.79 6.89
CA LEU D 88 16.70 -49.48 5.54
C LEU D 88 17.95 -49.23 4.70
N ARG D 89 17.82 -49.28 3.38
CA ARG D 89 18.89 -48.82 2.52
C ARG D 89 18.38 -47.93 1.44
N GLY D 90 19.31 -47.14 0.89
CA GLY D 90 18.99 -46.29 -0.26
C GLY D 90 18.29 -44.98 0.06
N LEU D 91 17.96 -44.71 1.32
CA LEU D 91 17.27 -43.48 1.66
C LEU D 91 18.25 -42.30 1.61
N CYS D 92 17.68 -41.11 1.44
CA CYS D 92 18.43 -39.88 1.37
C CYS D 92 18.94 -39.44 2.74
N LEU D 93 19.94 -40.16 3.22
CA LEU D 93 20.75 -39.80 4.39
C LEU D 93 22.13 -39.53 3.85
N VAL D 94 22.38 -38.29 3.51
CA VAL D 94 23.60 -37.94 2.82
C VAL D 94 24.61 -37.48 3.88
N PRO D 95 25.84 -37.98 3.81
CA PRO D 95 26.82 -37.54 4.81
C PRO D 95 27.23 -36.12 4.60
N PRO D 96 27.78 -35.49 5.63
CA PRO D 96 28.31 -34.12 5.46
C PRO D 96 29.37 -34.04 4.36
N LEU D 97 29.39 -32.92 3.66
CA LEU D 97 30.32 -32.59 2.56
C LEU D 97 30.07 -33.26 1.21
N VAL D 98 29.24 -34.30 1.16
CA VAL D 98 29.09 -35.08 -0.07
C VAL D 98 28.45 -34.24 -1.18
N ILE D 99 27.32 -33.61 -0.88
CA ILE D 99 26.67 -32.73 -1.85
C ILE D 99 27.54 -31.47 -2.07
N GLU D 100 28.05 -30.91 -0.98
CA GLU D 100 28.80 -29.65 -1.06
C GLU D 100 30.01 -29.72 -1.97
N THR D 101 30.64 -30.89 -2.04
CA THR D 101 31.85 -31.08 -2.87
C THR D 101 31.64 -31.96 -4.09
N ALA D 102 30.38 -32.25 -4.43
CA ALA D 102 30.09 -33.13 -5.56
C ALA D 102 30.55 -32.57 -6.92
N ALA D 103 30.53 -31.27 -7.08
CA ALA D 103 31.00 -30.64 -8.32
C ALA D 103 32.49 -30.87 -8.53
N ARG D 104 33.25 -30.92 -7.43
CA ARG D 104 34.68 -31.14 -7.45
C ARG D 104 35.05 -32.62 -7.52
N THR D 105 34.34 -33.44 -6.76
CA THR D 105 34.58 -34.89 -6.76
C THR D 105 33.99 -35.61 -7.96
N ARG D 106 33.06 -34.95 -8.67
CA ARG D 106 32.37 -35.55 -9.79
C ARG D 106 31.51 -36.75 -9.40
N LYS D 107 31.00 -36.72 -8.18
CA LYS D 107 30.12 -37.77 -7.70
C LYS D 107 28.67 -37.41 -7.92
N THR D 108 27.89 -38.45 -8.21
CA THR D 108 26.46 -38.33 -8.42
C THR D 108 25.77 -38.97 -7.20
N ILE D 109 24.77 -38.29 -6.68
CA ILE D 109 23.97 -38.78 -5.54
C ILE D 109 22.63 -39.20 -6.10
N ALA D 110 22.26 -40.45 -5.85
CA ALA D 110 20.95 -40.98 -6.22
C ALA D 110 20.42 -41.72 -5.00
N CYS D 111 19.26 -41.31 -4.52
CA CYS D 111 18.66 -41.83 -3.30
C CYS D 111 17.16 -41.58 -3.34
N PHE D 112 16.40 -42.14 -2.42
CA PHE D 112 14.93 -41.92 -2.40
C PHE D 112 14.44 -41.59 -1.00
N ASP D 113 13.32 -40.88 -0.93
CA ASP D 113 12.57 -40.71 0.31
C ASP D 113 11.26 -41.50 0.15
N LEU D 114 10.51 -41.70 1.25
CA LEU D 114 9.29 -42.51 1.24
C LEU D 114 8.12 -41.72 1.77
N SER D 115 6.99 -41.81 1.07
CA SER D 115 5.76 -41.17 1.45
C SER D 115 4.79 -42.33 1.52
N CYS D 116 4.30 -42.63 2.72
CA CYS D 116 3.62 -43.89 3.01
C CYS D 116 2.32 -43.71 3.82
N ASN D 117 1.35 -44.57 3.55
CA ASN D 117 0.23 -44.77 4.47
C ASN D 117 0.51 -46.06 5.19
N GLN D 118 -0.47 -46.63 5.90
CA GLN D 118 -0.25 -47.90 6.61
C GLN D 118 0.20 -49.09 5.75
N THR D 119 -0.27 -49.15 4.51
CA THR D 119 -0.10 -50.35 3.67
C THR D 119 0.82 -50.16 2.47
N ALA D 120 1.00 -48.93 2.00
CA ALA D 120 1.80 -48.67 0.81
C ALA D 120 2.71 -47.45 0.92
N CYS D 121 3.79 -47.46 0.14
CA CYS D 121 4.74 -46.35 0.04
C CYS D 121 4.99 -45.89 -1.41
N GLN D 122 5.04 -44.58 -1.61
CA GLN D 122 5.51 -44.00 -2.86
C GLN D 122 6.93 -43.50 -2.66
N PRO D 123 7.93 -44.17 -3.25
CA PRO D 123 9.26 -43.60 -3.22
C PRO D 123 9.37 -42.36 -4.12
N THR D 124 10.13 -41.37 -3.66
CA THR D 124 10.46 -40.22 -4.46
C THR D 124 11.95 -40.36 -4.66
N VAL D 125 12.36 -40.47 -5.92
CA VAL D 125 13.78 -40.62 -6.28
C VAL D 125 14.38 -39.26 -6.57
N PHE D 126 15.51 -38.97 -5.95
CA PHE D 126 16.26 -37.74 -6.16
C PHE D 126 17.57 -38.08 -6.84
N LEU D 127 17.92 -37.31 -7.87
CA LEU D 127 19.21 -37.46 -8.56
C LEU D 127 19.89 -36.13 -8.59
N ILE D 128 21.10 -36.08 -8.04
CA ILE D 128 21.91 -34.87 -7.96
C ILE D 128 23.27 -35.18 -8.52
N GLY D 129 23.82 -34.29 -9.33
CA GLY D 129 25.14 -34.53 -9.85
C GLY D 129 25.78 -33.40 -10.61
N PRO D 130 26.99 -33.64 -11.10
CA PRO D 130 27.72 -32.53 -11.75
C PRO D 130 27.09 -32.12 -13.07
N ILE D 131 27.21 -30.84 -13.38
CA ILE D 131 26.66 -30.31 -14.62
C ILE D 131 27.31 -30.96 -15.87
N GLN D 132 28.53 -31.50 -15.74
CA GLN D 132 29.22 -32.23 -16.83
C GLN D 132 28.43 -33.43 -17.35
N THR D 133 27.57 -34.00 -16.51
CA THR D 133 26.70 -35.10 -16.91
C THR D 133 25.84 -34.75 -18.13
N CYS D 134 25.42 -33.49 -18.22
CA CYS D 134 24.73 -32.94 -19.38
C CYS D 134 25.50 -33.01 -20.71
N ILE D 135 26.83 -33.05 -20.66
CA ILE D 135 27.66 -33.26 -21.86
C ILE D 135 27.71 -34.75 -22.19
N THR D 136 27.82 -35.60 -21.17
CA THR D 136 28.03 -37.02 -21.40
C THR D 136 26.78 -37.82 -21.70
N THR D 137 25.61 -37.27 -21.41
CA THR D 137 24.39 -38.10 -21.24
C THR D 137 23.14 -37.40 -21.78
N LYS D 138 22.41 -38.08 -22.67
CA LYS D 138 21.08 -37.65 -23.15
C LYS D 138 19.96 -38.35 -22.35
N SER D 139 20.09 -39.65 -22.17
CA SER D 139 19.16 -40.40 -21.35
C SER D 139 19.80 -41.64 -20.81
N CYS D 140 19.28 -42.12 -19.69
CA CYS D 140 19.74 -43.37 -19.10
C CYS D 140 18.66 -43.88 -18.15
N LEU D 141 18.92 -45.03 -17.52
CA LEU D 141 17.90 -45.75 -16.76
C LEU D 141 18.33 -45.98 -15.33
N LEU D 142 17.39 -45.76 -14.42
CA LEU D 142 17.49 -46.22 -13.05
C LEU D 142 16.38 -47.23 -12.83
N GLY D 143 16.64 -48.17 -11.95
CA GLY D 143 15.63 -49.09 -11.51
C GLY D 143 15.47 -49.02 -10.00
N LEU D 144 14.23 -49.17 -9.57
CA LEU D 144 13.90 -49.27 -8.14
C LEU D 144 12.80 -50.30 -7.97
N GLY D 145 13.17 -51.40 -7.33
CA GLY D 145 12.34 -52.61 -7.26
C GLY D 145 11.96 -53.03 -8.65
N ASP D 146 10.67 -52.92 -8.95
CA ASP D 146 10.09 -53.32 -10.23
C ASP D 146 9.81 -52.16 -11.19
N GLN D 147 10.20 -50.95 -10.81
CA GLN D 147 9.95 -49.76 -11.62
C GLN D 147 11.21 -49.34 -12.35
N ARG D 148 11.04 -48.92 -13.59
CA ARG D 148 12.11 -48.38 -14.39
C ARG D 148 11.92 -46.86 -14.44
N ILE D 149 13.02 -46.12 -14.38
CA ILE D 149 12.98 -44.67 -14.41
C ILE D 149 13.87 -44.21 -15.55
N GLN D 150 13.24 -43.48 -16.45
CA GLN D 150 13.91 -42.85 -17.57
C GLN D 150 14.39 -41.46 -17.15
N VAL D 151 15.71 -41.29 -17.07
CA VAL D 151 16.31 -39.99 -16.84
C VAL D 151 16.50 -39.36 -18.19
N ASN D 152 15.96 -38.17 -18.39
CA ASN D 152 16.08 -37.41 -19.64
C ASN D 152 16.78 -36.10 -19.38
N TYR D 153 17.92 -35.92 -20.03
CA TYR D 153 18.67 -34.67 -19.93
C TYR D 153 18.23 -33.85 -21.11
N GLU D 154 17.72 -32.66 -20.86
CA GLU D 154 17.12 -31.83 -21.89
C GLU D 154 17.71 -30.44 -21.82
N LYS D 155 18.10 -29.89 -22.98
CA LYS D 155 18.79 -28.60 -23.03
C LYS D 155 17.77 -27.48 -22.91
N THR D 156 18.13 -26.44 -22.16
CA THR D 156 17.17 -25.40 -21.77
C THR D 156 16.83 -24.46 -22.94
N TYR D 157 15.55 -24.10 -23.01
CA TYR D 157 15.05 -23.02 -23.89
C TYR D 157 15.70 -21.66 -23.69
N CYS D 158 16.27 -21.40 -22.51
CA CYS D 158 16.76 -20.08 -22.14
C CYS D 158 18.21 -19.87 -22.59
N VAL D 159 18.65 -18.60 -22.62
CA VAL D 159 20.04 -18.25 -22.97
C VAL D 159 20.92 -18.00 -21.75
N SER D 160 20.36 -17.42 -20.70
CA SER D 160 21.12 -17.06 -19.48
C SER D 160 20.62 -17.72 -18.18
N GLY D 161 19.40 -18.25 -18.17
CA GLY D 161 18.79 -18.80 -16.97
C GLY D 161 18.08 -20.14 -17.10
N GLN D 162 16.96 -20.26 -16.41
CA GLN D 162 16.22 -21.51 -16.32
C GLN D 162 14.77 -21.27 -16.60
N LEU D 163 14.11 -22.26 -17.16
CA LEU D 163 12.68 -22.21 -17.41
C LEU D 163 11.92 -22.38 -16.08
N VAL D 164 11.31 -21.29 -15.59
CA VAL D 164 10.59 -21.29 -14.33
C VAL D 164 9.19 -20.72 -14.55
N GLU D 165 8.18 -21.53 -14.27
CA GLU D 165 6.77 -21.19 -14.51
C GLU D 165 6.56 -20.78 -15.99
N GLY D 166 7.22 -21.45 -16.94
CA GLY D 166 7.15 -21.08 -18.36
C GLY D 166 7.86 -19.78 -18.74
N VAL D 167 8.81 -19.33 -17.92
CA VAL D 167 9.49 -18.05 -18.12
C VAL D 167 10.99 -18.26 -17.91
N CYS D 168 11.82 -17.62 -18.73
CA CYS D 168 13.27 -17.74 -18.58
C CYS D 168 13.78 -16.71 -17.57
N PHE D 169 14.44 -17.17 -16.51
CA PHE D 169 14.79 -16.30 -15.35
C PHE D 169 16.24 -16.45 -14.90
N ASN D 170 16.92 -15.33 -14.60
CA ASN D 170 18.29 -15.28 -14.04
C ASN D 170 18.31 -14.54 -12.69
N PRO D 171 18.64 -15.23 -11.57
CA PRO D 171 18.56 -14.55 -10.26
C PRO D 171 19.71 -13.56 -10.03
N VAL D 172 19.55 -12.65 -9.06
CA VAL D 172 20.64 -11.74 -8.63
C VAL D 172 21.87 -12.55 -8.19
N HIS D 173 23.06 -12.04 -8.51
CA HIS D 173 24.35 -12.71 -8.25
C HIS D 173 25.28 -12.00 -7.23
N THR D 174 25.13 -10.68 -7.06
CA THR D 174 26.04 -9.88 -6.20
C THR D 174 25.86 -10.16 -4.69
N MET D 175 26.97 -10.01 -3.98
CA MET D 175 27.03 -10.24 -2.53
C MET D 175 26.46 -9.07 -1.73
N ALA D 176 26.55 -7.85 -2.29
CA ALA D 176 25.95 -6.64 -1.71
C ALA D 176 24.40 -6.57 -1.90
N LEU D 177 23.80 -5.44 -1.48
CA LEU D 177 22.38 -5.13 -1.74
C LEU D 177 22.34 -4.09 -2.86
N SER D 178 21.27 -4.10 -3.68
CA SER D 178 21.13 -3.20 -4.82
C SER D 178 20.37 -1.93 -4.39
N TYR D 184 14.00 -4.91 -9.67
CA TYR D 184 14.26 -6.26 -10.18
C TYR D 184 12.96 -7.07 -10.38
N ASP D 185 12.98 -8.11 -11.23
CA ASP D 185 11.82 -9.04 -11.35
C ASP D 185 11.86 -10.08 -10.24
N ILE D 186 10.70 -10.68 -9.95
CA ILE D 186 10.59 -11.67 -8.89
C ILE D 186 9.95 -12.93 -9.42
N VAL D 187 10.64 -14.04 -9.29
CA VAL D 187 10.15 -15.34 -9.74
C VAL D 187 10.23 -16.37 -8.61
N THR D 188 9.19 -17.17 -8.50
CA THR D 188 9.12 -18.23 -7.50
C THR D 188 9.76 -19.51 -8.01
N VAL D 189 10.76 -20.03 -7.29
CA VAL D 189 11.50 -21.23 -7.72
C VAL D 189 11.41 -22.35 -6.68
N MET D 190 11.56 -23.56 -7.16
CA MET D 190 11.61 -24.75 -6.32
C MET D 190 12.93 -24.83 -5.56
N VAL D 191 12.84 -25.29 -4.32
CA VAL D 191 14.01 -25.59 -3.52
C VAL D 191 13.83 -26.99 -2.98
N ARG D 192 14.88 -27.79 -3.11
CA ARG D 192 14.93 -29.15 -2.55
C ARG D 192 16.11 -29.29 -1.59
N CYS D 193 15.81 -29.76 -0.38
CA CYS D 193 16.73 -29.77 0.74
C CYS D 193 16.83 -31.15 1.40
N PHE D 194 18.04 -31.49 1.83
CA PHE D 194 18.36 -32.78 2.45
C PHE D 194 18.93 -32.52 3.82
N LEU D 195 18.42 -33.25 4.81
CA LEU D 195 18.87 -33.12 6.16
C LEU D 195 20.18 -33.87 6.38
N ILE D 196 21.16 -33.18 6.91
CA ILE D 196 22.50 -33.75 7.15
C ILE D 196 22.79 -33.73 8.64
N ALA D 197 23.11 -34.89 9.23
CA ALA D 197 23.56 -34.96 10.62
C ALA D 197 25.03 -34.60 10.74
N LYS D 198 25.32 -33.62 11.59
CA LYS D 198 26.66 -33.12 11.78
C LYS D 198 26.80 -32.51 13.19
N LYS D 199 27.63 -33.16 14.00
CA LYS D 199 27.89 -32.75 15.38
C LYS D 199 29.16 -31.88 15.47
N VAL D 200 29.17 -30.95 16.44
CA VAL D 200 30.44 -30.33 16.91
C VAL D 200 30.59 -30.65 18.40
N SER D 201 31.81 -30.53 18.93
CA SER D 201 32.09 -30.84 20.35
C SER D 201 31.49 -29.84 21.35
N THR D 202 31.46 -28.56 20.96
CA THR D 202 31.24 -27.44 21.88
C THR D 202 30.25 -26.44 21.30
N GLY D 203 29.28 -26.00 22.11
CA GLY D 203 28.38 -24.91 21.73
C GLY D 203 27.13 -25.34 21.00
N ASP D 204 26.45 -24.34 20.42
CA ASP D 204 25.10 -24.49 19.86
C ASP D 204 25.02 -24.12 18.36
N SER D 205 26.17 -23.98 17.69
CA SER D 205 26.18 -23.56 16.28
C SER D 205 25.43 -24.52 15.30
N MET D 206 25.36 -25.80 15.63
CA MET D 206 24.69 -26.82 14.81
C MET D 206 23.32 -27.24 15.33
N LYS D 207 22.82 -26.58 16.38
CA LYS D 207 21.50 -26.91 16.96
C LYS D 207 20.37 -26.33 16.04
N LEU D 208 20.10 -27.07 14.98
CA LEU D 208 19.17 -26.65 13.93
C LEU D 208 17.76 -26.29 14.44
N GLU D 209 17.21 -27.09 15.36
CA GLU D 209 15.85 -26.85 15.83
C GLU D 209 15.77 -25.58 16.67
N LYS D 210 16.88 -25.20 17.34
CA LYS D 210 16.94 -23.90 18.02
C LYS D 210 16.76 -22.73 17.05
N SER D 211 17.29 -22.85 15.84
CA SER D 211 17.09 -21.82 14.83
C SER D 211 15.64 -21.68 14.49
N PHE D 212 14.93 -22.79 14.34
CA PHE D 212 13.49 -22.73 14.08
C PHE D 212 12.74 -22.11 15.24
N GLU D 213 13.11 -22.48 16.45
CA GLU D 213 12.44 -21.99 17.67
C GLU D 213 12.57 -20.44 17.82
N THR D 214 13.76 -19.88 17.59
CA THR D 214 13.93 -18.40 17.59
C THR D 214 12.98 -17.73 16.60
N LEU D 215 12.80 -18.34 15.44
CA LEU D 215 11.94 -17.76 14.41
C LEU D 215 10.43 -17.80 14.75
N VAL D 216 9.97 -18.88 15.38
CA VAL D 216 8.52 -19.12 15.62
C VAL D 216 8.07 -19.36 17.09
N GLN D 217 8.87 -19.00 18.09
CA GLN D 217 8.45 -19.27 19.48
C GLN D 217 8.33 -18.07 20.37
N LYS D 218 7.48 -18.24 21.36
CA LYS D 218 7.22 -17.24 22.38
C LYS D 218 8.30 -17.45 23.47
N THR D 219 8.23 -18.63 24.08
CA THR D 219 9.00 -18.97 25.29
C THR D 219 10.13 -19.99 25.01
N SER D 220 10.91 -20.31 26.05
CA SER D 220 12.08 -21.19 25.95
C SER D 220 11.80 -22.71 26.07
N CYS D 221 12.13 -23.44 25.00
CA CYS D 221 12.20 -24.90 25.03
C CYS D 221 13.47 -25.40 25.65
N THR D 222 13.36 -26.47 26.43
CA THR D 222 14.49 -26.92 27.24
C THR D 222 15.49 -27.75 26.40
N GLY D 223 14.98 -28.82 25.79
CA GLY D 223 15.81 -29.87 25.17
C GLY D 223 15.60 -30.26 23.70
N ASN D 224 16.04 -29.38 22.79
CA ASN D 224 16.11 -29.69 21.35
C ASN D 224 17.55 -29.66 20.78
N GLY D 225 18.20 -30.78 21.04
CA GLY D 225 19.60 -30.95 20.85
C GLY D 225 20.10 -31.51 19.53
N PHE D 226 19.23 -31.87 18.58
CA PHE D 226 19.71 -32.37 17.28
C PHE D 226 20.75 -31.43 16.62
N GLN D 227 21.82 -32.03 16.11
CA GLN D 227 22.90 -31.28 15.48
C GLN D 227 22.99 -31.65 14.02
N GLY D 228 22.79 -30.64 13.17
CA GLY D 228 22.82 -30.85 11.74
C GLY D 228 22.40 -29.62 10.98
N TYR D 229 22.11 -29.82 9.71
CA TYR D 229 21.80 -28.71 8.83
C TYR D 229 21.15 -29.21 7.59
N TYR D 230 20.61 -28.30 6.79
CA TYR D 230 20.06 -28.70 5.50
C TYR D 230 21.02 -28.22 4.39
N ILE D 231 21.12 -29.04 3.34
CA ILE D 231 21.81 -28.65 2.13
C ILE D 231 20.77 -28.69 1.03
N CYS D 232 20.67 -27.60 0.26
CA CYS D 232 19.55 -27.39 -0.65
C CYS D 232 20.07 -27.06 -2.01
N LEU D 233 19.28 -27.38 -3.02
CA LEU D 233 19.55 -26.95 -4.37
C LEU D 233 18.34 -26.17 -4.83
N VAL D 234 18.61 -25.10 -5.54
CA VAL D 234 17.60 -24.17 -5.98
C VAL D 234 17.32 -24.39 -7.46
N GLY D 235 16.05 -24.52 -7.82
CA GLY D 235 15.65 -24.74 -9.20
C GLY D 235 16.15 -26.06 -9.76
N SER D 236 16.42 -26.09 -11.05
CA SER D 236 16.92 -27.30 -11.67
C SER D 236 18.44 -27.39 -11.56
N SER D 237 19.12 -26.28 -11.23
CA SER D 237 20.56 -26.25 -11.10
C SER D 237 21.05 -25.08 -10.27
N SER D 238 22.01 -25.31 -9.40
CA SER D 238 22.53 -24.23 -8.56
C SER D 238 23.73 -24.76 -7.85
N GLU D 239 24.41 -23.87 -7.17
CA GLU D 239 25.35 -24.26 -6.16
C GLU D 239 24.61 -24.66 -4.88
N PRO D 240 25.19 -25.57 -4.09
CA PRO D 240 24.52 -25.92 -2.83
C PRO D 240 24.35 -24.72 -1.88
N LEU D 241 23.21 -24.67 -1.23
CA LEU D 241 22.86 -23.63 -0.26
C LEU D 241 22.75 -24.30 1.12
N TYR D 242 23.56 -23.83 2.06
CA TYR D 242 23.61 -24.32 3.41
C TYR D 242 22.54 -23.61 4.25
N ILE D 243 21.74 -24.37 4.99
CA ILE D 243 20.70 -23.80 5.88
C ILE D 243 21.02 -24.24 7.30
N PRO D 244 21.25 -23.32 8.24
CA PRO D 244 21.16 -21.85 8.01
C PRO D 244 22.48 -21.16 7.71
N THR D 245 22.45 -20.26 6.74
CA THR D 245 23.50 -19.30 6.51
C THR D 245 22.89 -17.95 6.97
N LEU D 246 23.34 -17.43 8.09
CA LEU D 246 22.57 -16.39 8.83
C LEU D 246 22.29 -15.09 8.10
N ASP D 247 23.28 -14.63 7.33
CA ASP D 247 23.17 -13.38 6.56
C ASP D 247 22.78 -13.58 5.08
N ASP D 248 22.32 -14.76 4.70
CA ASP D 248 21.87 -15.04 3.35
C ASP D 248 20.36 -14.99 3.23
N TYR D 249 19.86 -14.11 2.38
CA TYR D 249 18.44 -13.88 2.22
C TYR D 249 17.65 -15.15 1.78
N ARG D 250 18.31 -16.03 1.08
CA ARG D 250 17.69 -17.26 0.59
C ARG D 250 17.55 -18.29 1.67
N SER D 251 18.57 -18.38 2.54
CA SER D 251 18.49 -19.21 3.72
C SER D 251 17.33 -18.74 4.59
N ALA D 252 17.22 -17.43 4.81
CA ALA D 252 16.13 -16.88 5.61
C ALA D 252 14.78 -17.24 5.01
N GLU D 253 14.67 -17.15 3.71
CA GLU D 253 13.46 -17.50 3.02
C GLU D 253 13.09 -18.96 3.12
N VAL D 254 14.09 -19.84 3.03
CA VAL D 254 13.83 -21.26 3.10
C VAL D 254 13.40 -21.63 4.51
N LEU D 255 14.08 -21.07 5.50
CA LEU D 255 13.73 -21.36 6.88
C LEU D 255 12.33 -20.91 7.21
N SER D 256 11.93 -19.72 6.76
CA SER D 256 10.58 -19.24 7.03
C SER D 256 9.52 -20.14 6.36
N ARG D 257 9.72 -20.51 5.09
CA ARG D 257 8.79 -21.43 4.43
C ARG D 257 8.78 -22.81 5.12
N MET D 258 9.93 -23.28 5.61
CA MET D 258 9.96 -24.51 6.41
C MET D 258 9.15 -24.36 7.69
N ALA D 259 9.27 -23.22 8.35
CA ALA D 259 8.58 -22.99 9.60
C ALA D 259 7.05 -22.95 9.42
N PHE D 260 6.58 -22.45 8.30
CA PHE D 260 5.13 -22.42 8.03
C PHE D 260 4.60 -23.71 7.33
N ALA D 261 5.45 -24.40 6.56
CA ALA D 261 5.09 -25.66 5.93
C ALA D 261 6.17 -26.71 6.24
N PRO D 262 6.15 -27.25 7.47
CA PRO D 262 7.17 -28.17 7.89
C PRO D 262 7.21 -29.52 7.18
N HIS D 263 6.15 -29.92 6.48
CA HIS D 263 6.17 -31.14 5.62
C HIS D 263 6.28 -30.84 4.12
N GLY D 264 6.72 -29.61 3.77
CA GLY D 264 6.90 -29.22 2.38
C GLY D 264 5.66 -28.59 1.77
N GLU D 265 5.81 -28.10 0.55
CA GLU D 265 4.78 -27.35 -0.17
C GLU D 265 4.43 -28.08 -1.47
N ASP D 266 3.17 -27.98 -1.90
CA ASP D 266 2.67 -28.56 -3.17
C ASP D 266 1.44 -27.83 -3.71
N ALA D 276 -8.19 -38.88 -1.48
CA ALA D 276 -7.92 -37.79 -0.56
C ALA D 276 -7.46 -38.34 0.78
N MET D 277 -6.55 -37.61 1.43
CA MET D 277 -5.98 -38.04 2.71
C MET D 277 -6.98 -37.75 3.83
N ARG D 278 -7.21 -38.73 4.70
CA ARG D 278 -8.23 -38.66 5.75
C ARG D 278 -7.58 -38.76 7.14
N ILE D 279 -7.75 -37.70 7.94
CA ILE D 279 -7.16 -37.63 9.28
C ILE D 279 -8.04 -38.35 10.30
N ILE D 280 -7.39 -39.15 11.14
CA ILE D 280 -8.06 -40.05 12.09
C ILE D 280 -7.88 -39.59 13.51
N GLY D 281 -6.67 -39.24 13.91
CA GLY D 281 -6.45 -38.70 15.25
C GLY D 281 -5.02 -38.68 15.72
N LYS D 282 -4.83 -38.19 16.94
CA LYS D 282 -3.49 -38.09 17.56
C LYS D 282 -2.94 -39.42 18.05
N VAL D 283 -1.66 -39.67 17.75
CA VAL D 283 -0.97 -40.84 18.22
C VAL D 283 0.40 -40.51 18.81
N THR D 284 0.85 -41.37 19.70
CA THR D 284 2.16 -41.23 20.30
C THR D 284 2.89 -42.55 20.19
N GLY D 285 4.18 -42.51 20.46
CA GLY D 285 4.97 -43.73 20.40
C GLY D 285 6.36 -43.58 20.96
N LYS D 286 7.09 -44.70 20.97
CA LYS D 286 8.43 -44.77 21.53
C LYS D 286 9.49 -44.88 20.44
N ALA D 287 10.36 -43.88 20.38
CA ALA D 287 11.46 -43.86 19.43
C ALA D 287 12.74 -43.47 20.16
N PRO D 288 13.73 -44.37 20.24
CA PRO D 288 13.63 -45.75 19.72
C PRO D 288 12.66 -46.58 20.55
N SER D 289 12.32 -47.77 20.06
CA SER D 289 11.33 -48.63 20.72
C SER D 289 11.72 -49.07 22.12
N THR D 290 13.03 -49.04 22.41
CA THR D 290 13.57 -49.33 23.73
C THR D 290 13.31 -48.25 24.80
N GLU D 291 12.81 -47.08 24.43
CA GLU D 291 12.42 -46.06 25.40
C GLU D 291 11.23 -46.53 26.26
N SER D 292 11.24 -46.16 27.53
CA SER D 292 10.20 -46.60 28.44
C SER D 292 8.93 -45.75 28.30
N SER D 293 9.09 -44.49 27.91
CA SER D 293 7.99 -43.57 27.67
C SER D 293 8.02 -43.03 26.27
N ASP D 294 6.91 -42.41 25.88
CA ASP D 294 6.74 -41.85 24.54
C ASP D 294 7.65 -40.66 24.28
N THR D 295 8.27 -40.67 23.10
CA THR D 295 9.21 -39.63 22.68
C THR D 295 8.82 -38.97 21.37
N ILE D 296 7.69 -39.38 20.80
CA ILE D 296 7.25 -38.86 19.52
C ILE D 296 5.72 -38.82 19.45
N GLN D 297 5.18 -37.84 18.75
CA GLN D 297 3.75 -37.77 18.47
C GLN D 297 3.49 -37.41 17.02
N GLY D 298 2.24 -37.52 16.63
CA GLY D 298 1.85 -37.21 15.29
C GLY D 298 0.38 -37.42 15.09
N VAL D 299 -0.04 -37.40 13.83
CA VAL D 299 -1.43 -37.58 13.45
C VAL D 299 -1.54 -38.76 12.51
N ALA D 300 -2.32 -39.75 12.94
CA ALA D 300 -2.62 -40.90 12.14
C ALA D 300 -3.56 -40.51 11.01
N PHE D 301 -3.34 -41.07 9.84
CA PHE D 301 -4.22 -40.88 8.73
C PHE D 301 -4.39 -42.16 7.92
N SER D 302 -5.39 -42.14 7.05
CA SER D 302 -5.57 -43.16 6.02
C SER D 302 -5.82 -42.47 4.69
N GLY D 303 -5.70 -43.26 3.64
CA GLY D 303 -5.89 -42.78 2.31
C GLY D 303 -4.56 -42.56 1.67
N ASN D 304 -4.56 -41.69 0.67
CA ASN D 304 -3.40 -41.51 -0.16
C ASN D 304 -2.28 -40.83 0.61
N PRO D 305 -1.10 -41.44 0.60
CA PRO D 305 0.03 -40.78 1.25
C PRO D 305 0.25 -39.43 0.61
N LEU D 306 0.54 -38.41 1.40
CA LEU D 306 0.66 -37.07 0.88
C LEU D 306 2.08 -36.52 1.17
N TYR D 307 2.47 -36.51 2.43
CA TYR D 307 3.80 -36.05 2.84
C TYR D 307 4.77 -37.23 2.95
N THR D 308 6.04 -36.92 3.04
CA THR D 308 7.04 -37.91 3.34
C THR D 308 6.82 -38.45 4.75
N SER D 309 7.30 -39.67 4.99
CA SER D 309 7.09 -40.38 6.25
C SER D 309 8.39 -40.58 6.99
N THR D 310 9.43 -39.79 6.68
CA THR D 310 10.74 -39.96 7.32
C THR D 310 11.20 -38.66 8.00
N GLY D 311 11.87 -38.81 9.14
CA GLY D 311 12.45 -37.67 9.83
C GLY D 311 13.37 -38.09 10.95
N VAL D 312 13.79 -37.12 11.74
CA VAL D 312 14.64 -37.31 12.90
C VAL D 312 14.01 -36.61 14.09
N LEU D 313 14.12 -37.20 15.27
CA LEU D 313 13.76 -36.52 16.51
C LEU D 313 14.63 -35.30 16.72
N THR D 314 14.01 -34.18 17.09
CA THR D 314 14.79 -32.97 17.38
C THR D 314 15.48 -33.02 18.73
N ALA D 315 14.98 -33.87 19.63
CA ALA D 315 15.44 -33.93 21.01
C ALA D 315 16.83 -34.50 21.20
N LYS D 316 17.26 -35.42 20.33
CA LYS D 316 18.54 -36.10 20.55
C LYS D 316 19.65 -35.59 19.65
N ASP D 317 20.75 -35.16 20.28
CA ASP D 317 22.00 -34.81 19.59
C ASP D 317 22.38 -35.83 18.54
N ASP D 318 22.46 -37.09 18.99
CA ASP D 318 22.66 -38.24 18.11
C ASP D 318 21.33 -38.51 17.44
N PRO D 319 21.31 -38.51 16.09
CA PRO D 319 20.05 -38.65 15.36
C PRO D 319 19.29 -39.97 15.62
N VAL D 320 18.01 -39.85 15.93
CA VAL D 320 17.11 -40.99 15.98
C VAL D 320 16.22 -40.87 14.76
N TYR D 321 16.45 -41.73 13.77
CA TYR D 321 15.72 -41.67 12.51
C TYR D 321 14.42 -42.44 12.61
N ILE D 322 13.37 -41.88 12.06
CA ILE D 322 12.03 -42.43 12.15
C ILE D 322 11.42 -42.61 10.78
N TRP D 323 10.79 -43.76 10.60
CA TRP D 323 9.96 -44.05 9.47
C TRP D 323 8.55 -44.34 10.02
N ALA D 324 7.57 -43.52 9.66
CA ALA D 324 6.26 -43.58 10.27
C ALA D 324 5.14 -43.68 9.25
N PRO D 325 4.96 -44.87 8.70
CA PRO D 325 3.95 -45.01 7.65
C PRO D 325 2.57 -44.88 8.23
N GLY D 326 1.73 -44.10 7.56
CA GLY D 326 0.38 -43.81 8.02
C GLY D 326 0.29 -42.78 9.13
N ILE D 327 1.39 -42.10 9.44
CA ILE D 327 1.40 -41.07 10.49
C ILE D 327 2.13 -39.83 9.99
N ILE D 328 1.51 -38.67 10.11
CA ILE D 328 2.19 -37.39 9.90
C ILE D 328 2.90 -37.06 11.22
N MET D 329 4.21 -37.29 11.28
CA MET D 329 4.96 -37.04 12.50
C MET D 329 4.98 -35.52 12.83
N GLU D 330 4.98 -35.20 14.12
CA GLU D 330 4.89 -33.82 14.57
C GLU D 330 6.08 -33.03 14.04
N GLY D 331 5.80 -32.03 13.21
CA GLY D 331 6.82 -31.10 12.73
C GLY D 331 6.59 -29.62 13.06
N ASN D 332 5.51 -29.32 13.79
CA ASN D 332 5.17 -27.94 14.18
C ASN D 332 6.26 -27.43 15.14
N HIS D 333 7.00 -26.41 14.68
CA HIS D 333 8.13 -25.86 15.45
C HIS D 333 7.74 -25.09 16.72
N SER D 334 6.48 -24.64 16.80
CA SER D 334 5.95 -24.01 18.02
C SER D 334 5.80 -24.97 19.22
N VAL D 335 5.75 -26.26 18.96
CA VAL D 335 5.67 -27.29 20.00
C VAL D 335 7.08 -27.52 20.56
N CYS D 336 7.19 -27.92 21.83
CA CYS D 336 8.51 -28.16 22.44
C CYS D 336 8.94 -29.61 22.38
N ASP D 337 8.02 -30.52 22.70
CA ASP D 337 8.36 -31.93 22.87
C ASP D 337 7.88 -32.80 21.72
N LYS D 338 8.54 -33.94 21.57
CA LYS D 338 8.08 -35.02 20.71
C LYS D 338 8.00 -34.67 19.22
N LYS D 339 8.83 -33.73 18.80
CA LYS D 339 8.77 -33.22 17.43
C LYS D 339 9.95 -33.70 16.60
N THR D 340 9.84 -33.46 15.29
CA THR D 340 10.77 -33.99 14.34
C THR D 340 11.12 -32.97 13.26
N LEU D 341 12.20 -33.28 12.54
CA LEU D 341 12.60 -32.60 11.30
C LEU D 341 12.54 -33.60 10.17
N PRO D 342 12.04 -33.18 9.01
CA PRO D 342 11.97 -34.13 7.91
C PRO D 342 13.32 -34.35 7.23
N LEU D 343 13.51 -35.54 6.68
CA LEU D 343 14.76 -35.91 5.99
C LEU D 343 14.96 -35.15 4.69
N THR D 344 13.88 -34.95 3.95
CA THR D 344 13.88 -34.12 2.75
C THR D 344 12.75 -33.13 2.85
N TRP D 345 12.88 -32.04 2.13
CA TRP D 345 11.91 -30.94 2.16
C TRP D 345 11.91 -30.25 0.81
N THR D 346 10.72 -30.11 0.24
CA THR D 346 10.53 -29.51 -1.05
C THR D 346 9.55 -28.35 -0.88
N GLY D 347 9.95 -27.17 -1.35
CA GLY D 347 9.11 -25.98 -1.31
C GLY D 347 9.50 -24.96 -2.34
N PHE D 348 8.98 -23.76 -2.19
CA PHE D 348 9.16 -22.67 -3.16
C PHE D 348 9.52 -21.38 -2.45
N ILE D 349 10.46 -20.63 -3.02
CA ILE D 349 10.82 -19.30 -2.52
C ILE D 349 10.86 -18.29 -3.68
N PRO D 350 10.46 -17.04 -3.39
CA PRO D 350 10.60 -15.98 -4.38
C PRO D 350 12.05 -15.50 -4.48
N LEU D 351 12.56 -15.38 -5.70
CA LEU D 351 13.89 -14.82 -5.93
C LEU D 351 13.83 -13.54 -6.73
N PRO D 352 14.61 -12.52 -6.33
CA PRO D 352 14.76 -11.34 -7.14
C PRO D 352 15.78 -11.58 -8.25
N GLY D 353 15.52 -11.02 -9.42
CA GLY D 353 16.40 -11.16 -10.59
C GLY D 353 15.87 -10.48 -11.83
N GLU D 354 16.15 -11.06 -13.00
CA GLU D 354 15.75 -10.48 -14.28
C GLU D 354 15.16 -11.55 -15.20
N ILE D 355 13.96 -11.31 -15.73
CA ILE D 355 13.24 -12.24 -16.62
C ILE D 355 13.77 -12.40 -18.06
N GLU D 356 14.34 -11.34 -18.63
CA GLU D 356 14.86 -11.38 -20.02
C GLU D 356 13.77 -11.69 -21.07
#